data_4M3R
#
_entry.id   4M3R
#
_cell.length_a   78.371
_cell.length_b   119.391
_cell.length_c   129.956
_cell.angle_alpha   90.00
_cell.angle_beta   90.00
_cell.angle_gamma   90.00
#
_symmetry.space_group_name_H-M   'P 21 21 21'
#
loop_
_entity.id
_entity.type
_entity.pdbx_description
1 polymer 'DNA polymerase'
2 polymer 'DNA template'
3 polymer 'DNA primer'
4 non-polymer "ADENOSINE-5'-TRIPHOSPHATE"
5 non-polymer 'CALCIUM ION'
6 water water
#
loop_
_entity_poly.entity_id
_entity_poly.type
_entity_poly.pdbx_seq_one_letter_code
_entity_poly.pdbx_strand_id
1 'polypeptide(L)'
;MKEFYLTVEQIGDSIFERYIDSNGRERTREVEYKPSLFAHCPESQATKYFDIYGKPCTRKLFANMRDASQWIKRMEDIGL
EALGMDDFKLAYLSDTYNYEIKYDHTKIRVANFDIEVTSPDGFPEPSQAKHPIDAITHYDSIDDRFYVFDLLNSPYGNVE
EWSIEIAAKLQEQGGDEVPSEIIDKIIYMPFDNEKELLMEYLNFWQQKTPVILTGWNVESFAIPYVYNRIKNIFGESTAK
RLSPHRKTRVKVIENMYGSREIITLFGISVLDYIDLYKKFSFTNQPSYSLDYISEFELNVGKLKYDGPISKLRESNHQRY
ISYNIIAVYRVLQIDAKRQFINLSLDMGYYAKIQIQSVFSPIKTWDAIIFNSLKEQNKVIPQGRSHPVQPYPGAFVKEPI
PNRYKYVMSFDLTSAYPSIIRQVNISPETIAGTFKVAPLHDYINAVAERPSDVYSCSPNGMMYYKDRDGVVPTEITKVFN
QRKEHKGYMLAAQRNGEIIKEALHNPNLSVDEPLDVDYRFDFSDEIKEKIKKLSAKSLNEMLFRAQRTEVAGMTAQINRK
ALINGLAGALGNVWFRYYDLRNATAITTFGQMALQWIERKVNEYLNEVCGTEGEAFVLYGDTDSIYVSADKIIDKVGESK
FRDTNHWVDFLDKFARERMEPAIDRGFREMCEYMNNKQHLMFMDREAIAGPPLGSKGIGGFWTGKKRYALNVWDMEGTRY
AEPKLKIMGLETQKSSTPKAVQKALKECIRRMLQEGEESLQEYFKEFEKEFRQLNYISIASVSSANNIAKYDVGGFPGPK
CPFHIRGILTYNRAIKGNIDAPQVVEGEKVYVLPLREGNPFGDKCIAWPSGTEITDLIKDDVLHWMDYTVLLEKTFIKPL
EGFTSAAKLDYEKKASLFDMFDF
;
A
2 'polydeoxyribonucleotide' (DA)(DT)(DG)(DT)(DA)(DA)(DG)(DT)(DA)(DG)(DT)(DC)(DC)(DG)(DC)(DG) T
3 'polydeoxyribonucleotide' (DG)(DC)(DG)(DG)(DA)(DC)(DT)(DA)(DC)(DT)(DT)(DA)(DT) P
#
loop_
_chem_comp.id
_chem_comp.type
_chem_comp.name
_chem_comp.formula
ATP non-polymer ADENOSINE-5'-TRIPHOSPHATE 'C10 H16 N5 O13 P3'
CA non-polymer 'CALCIUM ION' 'Ca 2'
DA DNA linking 2'-DEOXYADENOSINE-5'-MONOPHOSPHATE 'C10 H14 N5 O6 P'
DC DNA linking 2'-DEOXYCYTIDINE-5'-MONOPHOSPHATE 'C9 H14 N3 O7 P'
DG DNA linking 2'-DEOXYGUANOSINE-5'-MONOPHOSPHATE 'C10 H14 N5 O7 P'
DT DNA linking THYMIDINE-5'-MONOPHOSPHATE 'C10 H15 N2 O8 P'
#
# COMPACT_ATOMS: atom_id res chain seq x y z
N MET A 1 6.03 34.22 -6.96
CA MET A 1 5.40 32.90 -7.28
C MET A 1 3.90 32.95 -7.02
N LYS A 2 3.21 31.90 -7.44
CA LYS A 2 1.80 31.71 -7.09
C LYS A 2 1.72 31.31 -5.61
N GLU A 3 0.74 31.85 -4.88
CA GLU A 3 0.56 31.49 -3.48
C GLU A 3 -0.03 30.07 -3.39
N PHE A 4 0.25 29.40 -2.29
CA PHE A 4 -0.38 28.12 -2.02
C PHE A 4 -0.48 27.88 -0.52
N TYR A 5 -1.53 27.18 -0.13
CA TYR A 5 -1.81 26.90 1.26
C TYR A 5 -0.86 25.84 1.81
N LEU A 6 -0.71 25.86 3.13
CA LEU A 6 0.04 24.84 3.86
C LEU A 6 -0.95 24.04 4.66
N THR A 7 -1.71 24.73 5.51
CA THR A 7 -2.75 24.10 6.31
C THR A 7 -3.98 24.99 6.40
N VAL A 8 -5.12 24.36 6.65
CA VAL A 8 -6.37 25.08 6.88
C VAL A 8 -7.15 24.39 8.00
N GLU A 9 -7.82 25.18 8.82
CA GLU A 9 -8.68 24.68 9.88
C GLU A 9 -9.92 25.56 9.99
N GLN A 10 -11.01 24.97 10.46
CA GLN A 10 -12.18 25.73 10.88
C GLN A 10 -12.21 25.72 12.41
N ILE A 11 -12.24 26.91 12.99
CA ILE A 11 -12.34 27.08 14.44
C ILE A 11 -13.46 28.09 14.67
N GLY A 12 -14.66 27.59 14.98
CA GLY A 12 -15.85 28.43 15.09
C GLY A 12 -16.17 29.07 13.76
N ASP A 13 -16.31 30.40 13.76
CA ASP A 13 -16.63 31.15 12.53
C ASP A 13 -15.37 31.66 11.82
N SER A 14 -14.21 31.17 12.25
CA SER A 14 -12.96 31.53 11.64
C SER A 14 -12.33 30.37 10.88
N ILE A 15 -11.81 30.68 9.70
CA ILE A 15 -10.89 29.79 9.00
C ILE A 15 -9.49 30.26 9.40
N PHE A 16 -8.66 29.31 9.83
CA PHE A 16 -7.27 29.58 10.16
C PHE A 16 -6.41 28.92 9.10
N GLU A 17 -5.64 29.72 8.36
CA GLU A 17 -4.82 29.23 7.26
C GLU A 17 -3.36 29.62 7.44
N ARG A 18 -2.49 28.62 7.33
CA ARG A 18 -1.08 28.85 7.12
C ARG A 18 -0.84 28.72 5.61
N TYR A 19 -0.04 29.62 5.05
CA TYR A 19 0.21 29.59 3.61
C TYR A 19 1.56 30.18 3.25
N ILE A 20 1.94 30.01 1.99
CA ILE A 20 3.13 30.63 1.42
C ILE A 20 2.66 31.78 0.54
N ASP A 21 3.22 32.97 0.75
CA ASP A 21 2.81 34.14 -0.05
C ASP A 21 3.61 34.24 -1.37
N SER A 22 3.34 35.31 -2.13
CA SER A 22 3.91 35.48 -3.46
C SER A 22 5.42 35.72 -3.46
N ASN A 23 5.97 36.05 -2.29
CA ASN A 23 7.41 36.16 -2.12
C ASN A 23 8.01 34.90 -1.51
N GLY A 24 7.22 33.83 -1.44
CA GLY A 24 7.69 32.56 -0.91
C GLY A 24 7.92 32.54 0.58
N ARG A 25 7.25 33.43 1.32
CA ARG A 25 7.37 33.47 2.78
C ARG A 25 6.17 32.81 3.41
N GLU A 26 6.39 32.11 4.53
CA GLU A 26 5.28 31.53 5.29
C GLU A 26 4.51 32.59 6.06
N ARG A 27 3.18 32.58 5.91
CA ARG A 27 2.26 33.49 6.59
C ARG A 27 1.12 32.71 7.25
N THR A 28 0.44 33.36 8.20
CA THR A 28 -0.79 32.83 8.80
C THR A 28 -1.84 33.91 8.79
N ARG A 29 -3.11 33.51 8.70
CA ARG A 29 -4.23 34.45 8.77
C ARG A 29 -5.50 33.82 9.32
N GLU A 30 -6.30 34.63 9.98
CA GLU A 30 -7.64 34.27 10.43
C GLU A 30 -8.64 34.95 9.52
N VAL A 31 -9.59 34.19 8.97
CA VAL A 31 -10.59 34.71 8.04
C VAL A 31 -12.00 34.39 8.52
N GLU A 32 -12.83 35.42 8.64
CA GLU A 32 -14.25 35.24 8.95
C GLU A 32 -14.96 34.86 7.66
N TYR A 33 -14.87 33.57 7.30
CA TYR A 33 -15.30 33.10 6.00
C TYR A 33 -16.82 33.14 5.89
N LYS A 34 -17.30 33.71 4.80
CA LYS A 34 -18.74 33.79 4.55
C LYS A 34 -19.14 32.76 3.50
N PRO A 35 -19.62 31.59 3.97
CA PRO A 35 -19.91 30.48 3.05
C PRO A 35 -21.25 30.63 2.35
N SER A 36 -21.40 29.88 1.25
CA SER A 36 -22.67 29.76 0.55
C SER A 36 -23.13 28.32 0.48
N LEU A 37 -24.43 28.12 0.61
CA LEU A 37 -25.09 26.86 0.27
C LEU A 37 -26.25 27.22 -0.66
N PHE A 38 -27.00 26.23 -1.11
CA PHE A 38 -27.95 26.43 -2.19
C PHE A 38 -29.23 25.65 -1.93
N ALA A 39 -30.33 26.15 -2.48
CA ALA A 39 -31.62 25.48 -2.39
C ALA A 39 -32.27 25.51 -3.76
N HIS A 40 -33.05 24.47 -4.07
CA HIS A 40 -33.82 24.48 -5.30
C HIS A 40 -34.81 25.64 -5.29
N CYS A 41 -35.02 26.22 -6.46
CA CYS A 41 -35.93 27.37 -6.62
C CYS A 41 -36.76 27.15 -7.88
N PRO A 42 -37.85 27.93 -8.06
CA PRO A 42 -38.66 27.73 -9.26
C PRO A 42 -37.90 28.08 -10.53
N GLU A 43 -38.30 27.46 -11.64
CA GLU A 43 -37.65 27.69 -12.94
C GLU A 43 -37.74 29.15 -13.37
N SER A 44 -38.86 29.79 -13.04
CA SER A 44 -39.08 31.21 -13.33
C SER A 44 -37.95 32.10 -12.82
N GLN A 45 -37.39 31.76 -11.65
CA GLN A 45 -36.32 32.54 -11.06
C GLN A 45 -35.02 32.36 -11.86
N ALA A 46 -34.58 33.43 -12.50
CA ALA A 46 -33.34 33.44 -13.27
C ALA A 46 -32.13 33.38 -12.32
N THR A 47 -31.15 32.55 -12.67
CA THR A 47 -30.00 32.31 -11.81
C THR A 47 -28.84 31.81 -12.66
N LYS A 48 -27.63 31.79 -12.09
CA LYS A 48 -26.49 31.18 -12.77
C LYS A 48 -26.09 29.83 -12.14
N TYR A 49 -26.84 29.40 -11.12
CA TYR A 49 -26.53 28.16 -10.41
C TYR A 49 -27.54 27.07 -10.73
N PHE A 50 -27.02 25.90 -11.09
CA PHE A 50 -27.84 24.74 -11.40
C PHE A 50 -27.25 23.53 -10.69
N ASP A 51 -28.12 22.63 -10.23
CA ASP A 51 -27.64 21.38 -9.64
C ASP A 51 -27.15 20.48 -10.78
N ILE A 52 -26.55 19.35 -10.45
CA ILE A 52 -25.91 18.53 -11.49
C ILE A 52 -26.90 18.00 -12.53
N TYR A 53 -28.18 17.93 -12.17
CA TYR A 53 -29.25 17.47 -13.06
C TYR A 53 -29.88 18.62 -13.86
N GLY A 54 -29.38 19.85 -13.66
CA GLY A 54 -29.82 21.02 -14.43
C GLY A 54 -31.03 21.75 -13.87
N LYS A 55 -31.35 21.49 -12.60
CA LYS A 55 -32.46 22.18 -11.94
C LYS A 55 -31.90 23.43 -11.28
N PRO A 56 -32.61 24.56 -11.41
CA PRO A 56 -32.08 25.82 -10.90
C PRO A 56 -32.02 25.87 -9.38
N CYS A 57 -30.97 26.51 -8.86
CA CYS A 57 -30.84 26.79 -7.44
C CYS A 57 -30.63 28.27 -7.18
N THR A 58 -30.98 28.69 -5.97
CA THR A 58 -30.72 30.03 -5.48
C THR A 58 -29.59 29.94 -4.46
N ARG A 59 -28.65 30.88 -4.51
CA ARG A 59 -27.51 30.87 -3.58
C ARG A 59 -27.92 31.51 -2.25
N LYS A 60 -27.55 30.86 -1.15
CA LYS A 60 -27.75 31.40 0.19
C LYS A 60 -26.39 31.78 0.77
N LEU A 61 -26.10 33.09 0.78
CA LEU A 61 -24.85 33.60 1.33
C LEU A 61 -25.04 33.87 2.81
N PHE A 62 -24.20 33.26 3.65
CA PHE A 62 -24.38 33.36 5.10
C PHE A 62 -23.39 34.34 5.73
N ALA A 63 -23.81 34.93 6.84
CA ALA A 63 -22.99 35.87 7.59
C ALA A 63 -21.82 35.16 8.25
N ASN A 64 -22.02 33.90 8.62
CA ASN A 64 -20.94 33.09 9.16
C ASN A 64 -21.23 31.60 9.00
N MET A 65 -20.24 30.78 9.37
CA MET A 65 -20.31 29.33 9.17
C MET A 65 -21.31 28.65 10.10
N ARG A 66 -21.47 29.18 11.31
CA ARG A 66 -22.49 28.68 12.23
C ARG A 66 -23.89 28.89 11.67
N ASP A 67 -24.17 30.07 11.12
CA ASP A 67 -25.47 30.30 10.47
C ASP A 67 -25.72 29.29 9.36
N ALA A 68 -24.68 28.98 8.58
CA ALA A 68 -24.80 27.99 7.50
C ALA A 68 -25.11 26.58 8.03
N SER A 69 -24.43 26.16 9.09
CA SER A 69 -24.70 24.87 9.73
C SER A 69 -26.11 24.82 10.29
N GLN A 70 -26.53 25.89 10.96
CA GLN A 70 -27.88 25.97 11.53
C GLN A 70 -28.94 25.90 10.45
N TRP A 71 -28.65 26.45 9.27
CA TRP A 71 -29.60 26.42 8.17
C TRP A 71 -29.76 25.00 7.64
N ILE A 72 -28.66 24.25 7.57
CA ILE A 72 -28.71 22.85 7.13
C ILE A 72 -29.62 22.01 8.04
N LYS A 73 -29.58 22.29 9.34
CA LYS A 73 -30.42 21.60 10.32
C LYS A 73 -31.91 21.92 10.10
N ARG A 74 -32.23 23.21 9.93
CA ARG A 74 -33.60 23.62 9.65
C ARG A 74 -34.13 23.03 8.34
N MET A 75 -33.29 22.96 7.33
CA MET A 75 -33.70 22.39 6.04
C MET A 75 -34.00 20.89 6.18
N GLU A 76 -33.26 20.21 7.06
CA GLU A 76 -33.55 18.83 7.40
C GLU A 76 -34.90 18.71 8.12
N ASP A 77 -35.17 19.63 9.06
CA ASP A 77 -36.42 19.66 9.82
C ASP A 77 -37.63 19.97 8.95
N ILE A 78 -37.42 20.81 7.93
CA ILE A 78 -38.45 21.13 6.95
C ILE A 78 -38.62 19.99 5.96
N GLY A 79 -37.52 19.31 5.62
CA GLY A 79 -37.54 18.20 4.67
C GLY A 79 -37.11 18.52 3.24
N LEU A 80 -36.26 19.53 3.06
CA LEU A 80 -35.77 19.95 1.74
C LEU A 80 -34.24 19.83 1.64
N GLU A 81 -33.75 19.58 0.42
CA GLU A 81 -32.32 19.43 0.19
C GLU A 81 -31.57 20.74 0.38
N ALA A 82 -30.50 20.68 1.18
CA ALA A 82 -29.54 21.78 1.30
C ALA A 82 -28.32 21.44 0.44
N LEU A 83 -28.16 22.12 -0.69
CA LEU A 83 -27.09 21.81 -1.63
C LEU A 83 -25.81 22.61 -1.34
N GLY A 84 -24.69 22.12 -1.88
CA GLY A 84 -23.40 22.81 -1.79
C GLY A 84 -22.40 22.12 -0.87
N MET A 85 -21.17 22.64 -0.85
CA MET A 85 -20.11 22.04 -0.03
C MET A 85 -20.31 22.40 1.44
N ASP A 86 -20.65 21.39 2.23
CA ASP A 86 -20.89 21.57 3.67
C ASP A 86 -19.61 21.53 4.53
N ASP A 87 -18.49 21.06 3.97
CA ASP A 87 -17.18 21.15 4.62
C ASP A 87 -16.57 22.49 4.22
N PHE A 88 -16.75 23.50 5.07
CA PHE A 88 -16.51 24.87 4.66
C PHE A 88 -15.05 25.18 4.32
N LYS A 89 -14.10 24.48 4.94
CA LYS A 89 -12.70 24.69 4.60
C LYS A 89 -12.33 24.19 3.19
N LEU A 90 -13.05 23.20 2.65
CA LEU A 90 -12.87 22.84 1.25
C LEU A 90 -13.39 23.98 0.35
N ALA A 91 -14.53 24.56 0.72
CA ALA A 91 -15.08 25.70 -0.03
C ALA A 91 -14.12 26.87 0.00
N TYR A 92 -13.57 27.15 1.20
CA TYR A 92 -12.58 28.20 1.39
C TYR A 92 -11.37 27.99 0.47
N LEU A 93 -10.81 26.78 0.49
CA LEU A 93 -9.62 26.49 -0.33
C LEU A 93 -9.95 26.69 -1.81
N SER A 94 -11.14 26.25 -2.21
CA SER A 94 -11.61 26.40 -3.59
C SER A 94 -11.80 27.86 -4.00
N ASP A 95 -12.33 28.69 -3.10
CA ASP A 95 -12.46 30.12 -3.37
C ASP A 95 -11.11 30.84 -3.36
N THR A 96 -10.25 30.46 -2.42
CA THR A 96 -8.97 31.13 -2.26
C THR A 96 -7.97 30.74 -3.34
N TYR A 97 -8.02 29.48 -3.79
CA TYR A 97 -7.07 28.97 -4.79
C TYR A 97 -7.85 28.46 -6.00
N ASN A 98 -8.45 29.40 -6.72
CA ASN A 98 -9.26 29.10 -7.90
C ASN A 98 -8.39 28.98 -9.15
N TYR A 99 -7.46 28.04 -9.09
CA TYR A 99 -6.49 27.80 -10.13
C TYR A 99 -5.74 26.53 -9.77
N GLU A 100 -5.03 25.96 -10.74
CA GLU A 100 -4.22 24.76 -10.49
C GLU A 100 -3.04 25.09 -9.59
N ILE A 101 -3.02 24.55 -8.38
CA ILE A 101 -1.96 24.86 -7.42
C ILE A 101 -0.63 24.30 -7.88
N LYS A 102 0.35 25.18 -8.04
CA LYS A 102 1.72 24.82 -8.32
C LYS A 102 2.45 25.10 -7.01
N TYR A 103 2.93 24.07 -6.34
CA TYR A 103 3.53 24.23 -5.02
C TYR A 103 5.03 23.99 -5.08
N ASP A 104 5.75 24.60 -4.14
CA ASP A 104 7.19 24.45 -4.02
C ASP A 104 7.51 23.82 -2.68
N HIS A 105 7.82 22.52 -2.72
CA HIS A 105 8.06 21.74 -1.50
C HIS A 105 9.22 22.26 -0.65
N THR A 106 10.15 23.02 -1.24
CA THR A 106 11.29 23.56 -0.46
C THR A 106 10.82 24.61 0.53
N LYS A 107 9.62 25.15 0.30
CA LYS A 107 9.00 26.11 1.22
C LYS A 107 8.16 25.44 2.29
N ILE A 108 7.92 24.13 2.16
CA ILE A 108 7.06 23.42 3.10
C ILE A 108 7.93 22.77 4.18
N ARG A 109 7.69 23.15 5.43
CA ARG A 109 8.47 22.63 6.54
C ARG A 109 7.96 21.23 6.89
N VAL A 110 8.77 20.23 6.56
CA VAL A 110 8.46 18.85 6.89
C VAL A 110 9.36 18.42 8.04
N ALA A 111 8.75 18.03 9.15
CA ALA A 111 9.46 17.63 10.34
C ALA A 111 9.30 16.13 10.60
N ASN A 112 10.44 15.49 10.86
CA ASN A 112 10.51 14.08 11.23
CA ASN A 112 10.52 14.07 11.22
C ASN A 112 11.10 14.02 12.62
N PHE A 113 10.38 13.42 13.57
CA PHE A 113 10.91 13.32 14.94
C PHE A 113 10.61 12.01 15.64
N ASP A 114 11.30 11.82 16.76
CA ASP A 114 11.25 10.60 17.53
C ASP A 114 11.75 10.93 18.93
N ILE A 115 11.14 10.33 19.95
CA ILE A 115 11.55 10.58 21.32
C ILE A 115 11.89 9.30 22.04
N GLU A 116 12.72 9.42 23.06
CA GLU A 116 12.99 8.31 23.96
C GLU A 116 12.46 8.63 25.35
N VAL A 117 11.99 7.60 26.03
CA VAL A 117 11.39 7.69 27.36
C VAL A 117 11.80 6.42 28.13
N THR A 118 12.80 6.52 29.00
CA THR A 118 13.18 5.38 29.85
C THR A 118 12.04 5.07 30.84
N SER A 119 11.70 3.79 30.96
CA SER A 119 10.59 3.37 31.80
C SER A 119 10.84 1.98 32.40
N PRO A 120 11.12 1.91 33.71
CA PRO A 120 11.43 0.64 34.35
C PRO A 120 10.20 -0.19 34.76
N ASP A 121 8.98 0.30 34.53
CA ASP A 121 7.78 -0.42 34.94
C ASP A 121 6.80 -0.64 33.78
N GLY A 122 7.34 -1.08 32.65
CA GLY A 122 6.53 -1.40 31.48
C GLY A 122 6.49 -0.28 30.46
N PHE A 123 5.65 -0.48 29.45
CA PHE A 123 5.51 0.47 28.37
C PHE A 123 5.06 1.84 28.88
N PRO A 124 5.80 2.92 28.52
CA PRO A 124 5.41 4.26 28.95
C PRO A 124 4.19 4.76 28.19
N GLU A 125 3.01 4.65 28.81
CA GLU A 125 1.74 5.01 28.18
C GLU A 125 1.63 6.52 27.95
N PRO A 126 1.38 6.94 26.69
CA PRO A 126 1.23 8.37 26.39
C PRO A 126 0.16 9.08 27.22
N SER A 127 -0.94 8.39 27.52
CA SER A 127 -2.06 9.04 28.21
C SER A 127 -1.70 9.44 29.64
N GLN A 128 -0.77 8.73 30.27
CA GLN A 128 -0.30 9.06 31.61
C GLN A 128 1.01 9.84 31.61
N ALA A 129 1.88 9.55 30.66
CA ALA A 129 3.14 10.30 30.49
C ALA A 129 3.83 10.55 31.83
N LYS A 130 3.98 9.49 32.60
CA LYS A 130 4.49 9.62 33.97
C LYS A 130 6.00 9.57 34.03
N HIS A 131 6.67 9.32 32.90
CA HIS A 131 8.13 9.25 32.88
C HIS A 131 8.76 10.38 32.06
N PRO A 132 9.97 10.80 32.45
CA PRO A 132 10.67 11.85 31.72
C PRO A 132 10.95 11.51 30.25
N ILE A 133 10.80 12.50 29.38
CA ILE A 133 11.32 12.42 28.03
C ILE A 133 12.81 12.72 28.13
N ASP A 134 13.65 11.75 27.77
CA ASP A 134 15.10 11.92 27.95
C ASP A 134 15.86 12.04 26.64
N ALA A 135 15.14 12.00 25.52
CA ALA A 135 15.75 12.32 24.24
C ALA A 135 14.69 12.72 23.23
N ILE A 136 15.00 13.72 22.41
CA ILE A 136 14.23 14.07 21.21
C ILE A 136 15.21 14.34 20.09
N THR A 137 15.01 13.71 18.94
CA THR A 137 15.68 14.12 17.72
C THR A 137 14.62 14.59 16.75
N HIS A 138 14.86 15.75 16.15
CA HIS A 138 13.87 16.43 15.34
C HIS A 138 14.57 16.93 14.09
N TYR A 139 14.27 16.30 12.96
CA TYR A 139 14.81 16.74 11.68
C TYR A 139 13.88 17.74 11.04
N ASP A 140 14.47 18.86 10.60
CA ASP A 140 13.74 19.91 9.88
C ASP A 140 14.20 19.96 8.43
N SER A 141 13.27 19.86 7.47
CA SER A 141 13.60 19.76 6.06
C SER A 141 14.07 21.06 5.44
N ILE A 142 13.65 22.19 6.03
CA ILE A 142 14.09 23.49 5.53
C ILE A 142 15.53 23.75 5.95
N ASP A 143 15.84 23.50 7.22
CA ASP A 143 17.22 23.62 7.70
C ASP A 143 18.12 22.47 7.25
N ASP A 144 17.53 21.33 6.93
CA ASP A 144 18.30 20.10 6.70
C ASP A 144 19.22 19.82 7.88
N ARG A 145 18.65 19.87 9.08
CA ARG A 145 19.41 19.61 10.31
C ARG A 145 18.64 18.70 11.26
N PHE A 146 19.37 17.84 11.95
CA PHE A 146 18.82 17.02 13.03
C PHE A 146 19.07 17.73 14.35
N TYR A 147 17.99 18.22 14.96
CA TYR A 147 18.11 18.90 16.25
C TYR A 147 17.90 17.88 17.35
N VAL A 148 18.93 17.71 18.16
CA VAL A 148 18.98 16.66 19.19
C VAL A 148 18.91 17.28 20.59
N PHE A 149 17.89 16.87 21.35
CA PHE A 149 17.65 17.36 22.69
C PHE A 149 17.91 16.20 23.65
N ASP A 150 18.92 16.36 24.49
CA ASP A 150 19.47 15.25 25.28
C ASP A 150 19.44 15.58 26.77
N LEU A 151 18.69 14.78 27.52
CA LEU A 151 18.59 14.96 28.97
C LEU A 151 19.74 14.22 29.69
N LEU A 152 20.57 14.97 30.39
CA LEU A 152 21.69 14.39 31.14
C LEU A 152 21.31 13.97 32.56
N ASN A 153 20.33 14.64 33.17
CA ASN A 153 19.91 14.31 34.54
C ASN A 153 18.45 13.90 34.64
N SER A 154 18.23 12.78 35.33
CA SER A 154 16.93 12.15 35.37
C SER A 154 16.87 11.28 36.63
N PRO A 155 15.68 11.04 37.18
CA PRO A 155 15.55 10.09 38.29
C PRO A 155 16.12 8.71 37.99
N TYR A 156 16.14 8.31 36.71
CA TYR A 156 16.66 6.98 36.33
C TYR A 156 18.13 6.99 35.93
N GLY A 157 18.80 8.13 36.10
CA GLY A 157 20.25 8.18 35.99
C GLY A 157 20.78 9.50 35.47
N ASN A 158 21.97 9.89 35.95
CA ASN A 158 22.69 11.04 35.41
C ASN A 158 23.84 10.56 34.52
N VAL A 159 23.94 11.12 33.31
CA VAL A 159 24.85 10.60 32.28
C VAL A 159 25.73 11.72 31.73
N GLU A 160 26.80 11.33 31.05
CA GLU A 160 27.67 12.29 30.39
C GLU A 160 27.08 12.68 29.03
N GLU A 161 27.60 13.75 28.45
CA GLU A 161 27.15 14.22 27.14
C GLU A 161 27.44 13.15 26.06
N TRP A 162 26.61 13.16 25.03
CA TRP A 162 26.82 12.30 23.87
C TRP A 162 27.99 12.86 23.08
N SER A 163 28.83 11.95 22.58
CA SER A 163 30.03 12.32 21.82
C SER A 163 29.85 12.07 20.31
N ILE A 164 29.85 13.15 19.53
CA ILE A 164 29.68 13.03 18.08
C ILE A 164 30.86 12.34 17.42
N GLU A 165 32.03 12.42 18.06
CA GLU A 165 33.24 11.77 17.56
C GLU A 165 33.14 10.26 17.72
N ILE A 166 32.59 9.80 18.84
CA ILE A 166 32.38 8.35 19.05
C ILE A 166 31.22 7.83 18.19
N ALA A 167 30.17 8.62 18.07
CA ALA A 167 29.02 8.30 17.23
C ALA A 167 29.44 7.98 15.80
N ALA A 168 30.38 8.74 15.25
CA ALA A 168 30.82 8.61 13.85
C ALA A 168 31.71 7.39 13.62
N LYS A 169 32.35 6.89 14.68
CA LYS A 169 33.24 5.74 14.56
C LYS A 169 32.52 4.46 14.20
N LEU A 170 33.25 3.55 13.56
CA LEU A 170 32.77 2.21 13.27
C LEU A 170 32.35 1.51 14.57
N GLN A 171 31.30 0.68 14.49
CA GLN A 171 30.89 -0.18 15.58
C GLN A 171 32.05 -1.05 16.06
N GLU A 172 32.81 -1.57 15.10
CA GLU A 172 33.92 -2.48 15.38
C GLU A 172 35.08 -1.77 16.07
N GLN A 173 35.02 -0.44 16.11
CA GLN A 173 35.94 0.35 16.94
C GLN A 173 35.23 1.03 18.11
N GLY A 174 34.12 0.45 18.56
CA GLY A 174 33.41 0.96 19.75
C GLY A 174 32.53 2.19 19.52
N GLY A 175 32.39 2.62 18.27
CA GLY A 175 31.52 3.75 17.94
C GLY A 175 30.10 3.31 17.59
N ASP A 176 29.32 4.23 17.04
CA ASP A 176 27.92 3.93 16.76
C ASP A 176 27.57 3.87 15.27
N GLU A 177 28.53 4.18 14.41
CA GLU A 177 28.33 4.22 12.96
C GLU A 177 27.17 5.10 12.53
N VAL A 178 27.01 6.27 13.15
CA VAL A 178 26.09 7.27 12.63
C VAL A 178 26.63 7.62 11.23
N PRO A 179 25.79 7.49 10.19
CA PRO A 179 26.27 7.72 8.82
C PRO A 179 27.00 9.04 8.63
N SER A 180 28.10 9.00 7.89
CA SER A 180 28.95 10.17 7.67
C SER A 180 28.21 11.33 7.01
N GLU A 181 27.26 11.03 6.13
CA GLU A 181 26.51 12.07 5.41
C GLU A 181 25.56 12.91 6.28
N ILE A 182 25.31 12.51 7.53
CA ILE A 182 24.52 13.37 8.45
C ILE A 182 25.29 13.91 9.67
N ILE A 183 26.56 13.53 9.82
CA ILE A 183 27.35 13.98 10.97
C ILE A 183 27.39 15.51 11.04
N ASP A 184 27.66 16.15 9.92
CA ASP A 184 27.75 17.62 9.87
C ASP A 184 26.39 18.32 9.95
N LYS A 185 25.29 17.55 9.97
CA LYS A 185 23.93 18.09 10.00
C LYS A 185 23.29 18.00 11.38
N ILE A 186 24.05 17.52 12.37
CA ILE A 186 23.53 17.34 13.73
C ILE A 186 23.81 18.59 14.58
N ILE A 187 22.78 19.03 15.30
CA ILE A 187 22.91 20.15 16.23
C ILE A 187 22.51 19.63 17.61
N TYR A 188 23.50 19.42 18.46
CA TYR A 188 23.33 18.70 19.72
C TYR A 188 23.15 19.68 20.89
N MET A 189 22.10 19.45 21.68
CA MET A 189 21.74 20.34 22.78
C MET A 189 21.47 19.50 24.03
N PRO A 190 22.44 19.48 24.97
CA PRO A 190 22.24 18.78 26.24
C PRO A 190 21.48 19.67 27.24
N PHE A 191 20.84 19.04 28.22
CA PHE A 191 20.08 19.77 29.24
C PHE A 191 20.26 19.09 30.59
N ASP A 192 20.31 19.91 31.63
CA ASP A 192 20.51 19.44 33.00
C ASP A 192 19.22 18.97 33.63
N ASN A 193 18.08 19.33 33.05
CA ASN A 193 16.79 18.89 33.57
C ASN A 193 15.72 18.96 32.50
N GLU A 194 14.68 18.16 32.70
CA GLU A 194 13.66 17.96 31.68
C GLU A 194 12.90 19.24 31.37
N LYS A 195 12.59 20.02 32.40
CA LYS A 195 11.82 21.23 32.24
C LYS A 195 12.44 22.16 31.20
N GLU A 196 13.74 22.41 31.31
CA GLU A 196 14.39 23.30 30.36
C GLU A 196 14.53 22.66 28.98
N LEU A 197 14.73 21.33 28.94
CA LEU A 197 14.69 20.60 27.66
C LEU A 197 13.34 20.87 26.97
N LEU A 198 12.26 20.66 27.70
CA LEU A 198 10.92 20.81 27.13
C LEU A 198 10.61 22.27 26.80
N MET A 199 11.03 23.20 27.67
CA MET A 199 10.83 24.62 27.41
C MET A 199 11.55 24.99 26.12
N GLU A 200 12.80 24.58 26.00
CA GLU A 200 13.57 24.88 24.81
C GLU A 200 12.94 24.22 23.57
N TYR A 201 12.44 23.00 23.72
CA TYR A 201 11.81 22.32 22.58
C TYR A 201 10.60 23.09 22.06
N LEU A 202 9.78 23.60 22.98
CA LEU A 202 8.63 24.44 22.61
C LEU A 202 9.01 25.74 21.91
N ASN A 203 10.08 26.38 22.37
CA ASN A 203 10.52 27.63 21.73
C ASN A 203 11.03 27.35 20.32
N PHE A 204 11.86 26.33 20.21
CA PHE A 204 12.31 25.80 18.91
C PHE A 204 11.11 25.53 17.99
N TRP A 205 10.11 24.82 18.50
CA TRP A 205 8.93 24.45 17.74
C TRP A 205 8.18 25.70 17.24
N GLN A 206 8.14 26.75 18.07
CA GLN A 206 7.56 28.04 17.67
C GLN A 206 8.30 28.64 16.48
N GLN A 207 9.62 28.64 16.57
CA GLN A 207 10.47 29.14 15.48
C GLN A 207 10.39 28.26 14.22
N LYS A 208 10.25 26.95 14.40
CA LYS A 208 10.26 26.00 13.27
C LYS A 208 9.03 25.10 13.34
N THR A 209 7.88 25.69 13.06
CA THR A 209 6.61 25.03 13.32
C THR A 209 6.30 24.09 12.17
N PRO A 210 6.24 22.79 12.47
CA PRO A 210 5.98 21.82 11.41
C PRO A 210 4.72 22.15 10.64
N VAL A 211 4.76 21.97 9.32
CA VAL A 211 3.55 21.94 8.48
C VAL A 211 3.13 20.48 8.32
N ILE A 212 4.04 19.67 7.78
CA ILE A 212 3.86 18.23 7.73
C ILE A 212 4.68 17.65 8.88
N LEU A 213 4.04 16.88 9.74
CA LEU A 213 4.71 16.26 10.89
C LEU A 213 4.66 14.76 10.70
N THR A 214 5.83 14.11 10.66
CA THR A 214 5.88 12.69 10.39
C THR A 214 6.95 12.02 11.26
N GLY A 215 7.22 10.75 10.96
CA GLY A 215 8.06 9.91 11.81
C GLY A 215 7.39 8.55 11.96
N TRP A 216 7.98 7.69 12.76
CA TRP A 216 7.49 6.32 12.90
C TRP A 216 6.65 6.21 14.16
N ASN A 217 5.35 5.93 13.99
CA ASN A 217 4.42 5.87 15.12
C ASN A 217 4.20 7.17 15.91
N VAL A 218 4.50 8.31 15.28
CA VAL A 218 4.39 9.59 15.99
C VAL A 218 2.96 9.87 16.48
N GLU A 219 1.96 9.43 15.71
CA GLU A 219 0.56 9.69 16.03
C GLU A 219 0.12 8.94 17.28
N SER A 220 0.59 7.71 17.44
CA SER A 220 0.17 6.87 18.58
C SER A 220 1.11 6.96 19.78
N PHE A 221 2.35 7.40 19.59
CA PHE A 221 3.28 7.52 20.71
C PHE A 221 3.89 8.90 20.92
N ALA A 222 4.75 9.34 20.00
CA ALA A 222 5.57 10.52 20.24
C ALA A 222 4.72 11.75 20.51
N ILE A 223 3.73 11.99 19.65
CA ILE A 223 2.91 13.19 19.78
C ILE A 223 2.09 13.19 21.08
N PRO A 224 1.25 12.16 21.30
CA PRO A 224 0.51 12.18 22.56
C PRO A 224 1.42 12.14 23.81
N TYR A 225 2.58 11.50 23.73
CA TYR A 225 3.46 11.48 24.89
C TYR A 225 3.99 12.89 25.18
N VAL A 226 4.52 13.55 24.14
CA VAL A 226 5.05 14.90 24.29
C VAL A 226 3.97 15.83 24.84
N TYR A 227 2.80 15.79 24.21
CA TYR A 227 1.67 16.63 24.59
C TYR A 227 1.27 16.43 26.03
N ASN A 228 1.09 15.18 26.45
CA ASN A 228 0.66 14.86 27.81
C ASN A 228 1.70 15.13 28.88
N ARG A 229 2.97 14.96 28.51
CA ARG A 229 4.07 15.20 29.45
C ARG A 229 4.20 16.70 29.74
N ILE A 230 4.16 17.52 28.69
CA ILE A 230 4.15 18.98 28.84
C ILE A 230 2.91 19.44 29.61
N LYS A 231 1.74 18.86 29.32
CA LYS A 231 0.52 19.17 30.08
C LYS A 231 0.72 18.91 31.57
N ASN A 232 1.22 17.73 31.91
CA ASN A 232 1.42 17.34 33.30
C ASN A 232 2.41 18.25 34.05
N ILE A 233 3.46 18.69 33.37
CA ILE A 233 4.50 19.48 34.00
C ILE A 233 4.15 20.96 34.03
N PHE A 234 3.69 21.49 32.90
CA PHE A 234 3.48 22.94 32.74
C PHE A 234 2.02 23.37 32.73
N GLY A 235 1.12 22.46 32.40
CA GLY A 235 -0.31 22.80 32.26
C GLY A 235 -0.74 22.71 30.81
N GLU A 236 -2.06 22.65 30.61
CA GLU A 236 -2.65 22.41 29.30
C GLU A 236 -2.35 23.53 28.28
N SER A 237 -2.43 24.78 28.73
CA SER A 237 -2.22 25.92 27.83
C SER A 237 -0.78 25.97 27.27
N THR A 238 0.19 25.47 28.03
CA THR A 238 1.57 25.31 27.54
C THR A 238 1.63 24.19 26.48
N ALA A 239 0.96 23.07 26.76
CA ALA A 239 0.91 21.94 25.81
C ALA A 239 0.27 22.36 24.48
N LYS A 240 -0.74 23.24 24.56
CA LYS A 240 -1.39 23.78 23.36
C LYS A 240 -0.46 24.62 22.45
N ARG A 241 0.69 25.02 22.96
CA ARG A 241 1.69 25.70 22.13
C ARG A 241 2.20 24.80 21.00
N LEU A 242 1.93 23.49 21.07
CA LEU A 242 2.22 22.58 19.95
C LEU A 242 1.33 22.83 18.72
N SER A 243 0.20 23.51 18.91
CA SER A 243 -0.65 23.99 17.81
C SER A 243 -0.38 25.46 17.53
N PRO A 244 -0.07 25.82 16.26
CA PRO A 244 0.15 27.25 15.94
C PRO A 244 -1.09 28.14 16.17
N HIS A 245 -2.27 27.54 16.25
CA HIS A 245 -3.49 28.28 16.59
C HIS A 245 -3.92 28.02 18.03
N ARG A 246 -3.07 27.35 18.80
CA ARG A 246 -3.29 27.05 20.21
C ARG A 246 -4.59 26.27 20.47
N LYS A 247 -4.95 25.39 19.55
CA LYS A 247 -6.14 24.55 19.68
C LYS A 247 -5.80 23.09 19.46
N THR A 248 -6.27 22.23 20.36
CA THR A 248 -6.08 20.79 20.23
C THR A 248 -7.37 20.07 20.58
N ARG A 249 -7.49 18.83 20.11
CA ARG A 249 -8.59 17.95 20.51
C ARG A 249 -8.03 16.59 20.90
N VAL A 250 -8.44 16.09 22.06
CA VAL A 250 -7.94 14.84 22.60
C VAL A 250 -8.92 13.72 22.32
N LYS A 251 -8.53 12.77 21.45
CA LYS A 251 -9.37 11.60 21.12
C LYS A 251 -8.95 10.40 21.96
N VAL A 252 -9.85 9.97 22.87
CA VAL A 252 -9.55 8.88 23.81
C VAL A 252 -10.28 7.57 23.44
N ILE A 253 -9.52 6.55 23.08
CA ILE A 253 -10.05 5.18 22.88
C ILE A 253 -9.65 4.31 24.08
N GLU A 254 -10.64 3.59 24.62
CA GLU A 254 -10.41 2.74 25.78
C GLU A 254 -10.51 1.27 25.36
N ASN A 255 -9.46 0.51 25.67
CA ASN A 255 -9.37 -0.91 25.27
C ASN A 255 -9.69 -1.85 26.45
N MET A 256 -10.52 -1.38 27.39
CA MET A 256 -10.90 -2.12 28.60
C MET A 256 -9.73 -2.46 29.56
N TYR A 257 -8.49 -2.46 29.07
CA TYR A 257 -7.32 -2.77 29.90
C TYR A 257 -6.03 -2.39 29.14
N GLY A 258 -5.68 -1.10 29.05
CA GLY A 258 -6.40 0.01 29.70
C GLY A 258 -6.91 1.08 28.75
N SER A 259 -6.05 2.06 28.43
CA SER A 259 -6.49 3.24 27.67
C SER A 259 -5.34 3.95 26.93
N ARG A 260 -5.71 4.71 25.89
CA ARG A 260 -4.77 5.53 25.13
C ARG A 260 -5.52 6.60 24.30
N GLU A 261 -4.79 7.46 23.57
CA GLU A 261 -5.43 8.60 22.89
C GLU A 261 -4.66 9.21 21.71
N ILE A 262 -5.40 9.76 20.74
CA ILE A 262 -4.83 10.53 19.63
C ILE A 262 -5.11 12.02 19.86
N ILE A 263 -4.10 12.85 19.63
CA ILE A 263 -4.21 14.30 19.77
C ILE A 263 -4.25 14.94 18.40
N THR A 264 -5.24 15.79 18.16
CA THR A 264 -5.27 16.60 16.96
C THR A 264 -4.63 17.93 17.26
N LEU A 265 -3.54 18.24 16.56
CA LEU A 265 -2.89 19.53 16.65
C LEU A 265 -3.42 20.39 15.51
N PHE A 266 -4.30 21.34 15.83
CA PHE A 266 -4.88 22.20 14.80
C PHE A 266 -3.78 23.02 14.14
N GLY A 267 -3.79 23.06 12.81
CA GLY A 267 -2.80 23.84 12.05
C GLY A 267 -1.55 23.06 11.69
N ILE A 268 -1.53 21.77 12.01
CA ILE A 268 -0.47 20.87 11.59
C ILE A 268 -1.10 19.69 10.86
N SER A 269 -0.44 19.22 9.81
CA SER A 269 -0.86 18.03 9.08
C SER A 269 0.04 16.85 9.44
N VAL A 270 -0.45 16.01 10.34
CA VAL A 270 0.26 14.83 10.80
C VAL A 270 0.10 13.71 9.77
N LEU A 271 1.22 13.27 9.20
CA LEU A 271 1.25 12.08 8.33
C LEU A 271 2.20 11.05 8.93
N ASP A 272 1.70 10.24 9.85
CA ASP A 272 2.50 9.19 10.47
C ASP A 272 3.04 8.27 9.38
N TYR A 273 4.36 8.06 9.36
CA TYR A 273 4.94 7.33 8.25
C TYR A 273 4.51 5.88 8.22
N ILE A 274 4.20 5.31 9.38
CA ILE A 274 3.64 3.97 9.42
C ILE A 274 2.33 3.90 8.65
N ASP A 275 1.50 4.95 8.74
CA ASP A 275 0.21 5.00 8.02
C ASP A 275 0.42 5.22 6.54
N LEU A 276 1.36 6.11 6.19
CA LEU A 276 1.71 6.32 4.78
C LEU A 276 2.16 5.01 4.18
N TYR A 277 3.02 4.33 4.92
CA TYR A 277 3.62 3.08 4.46
C TYR A 277 2.56 2.00 4.23
N LYS A 278 1.67 1.83 5.19
CA LYS A 278 0.58 0.85 5.06
C LYS A 278 -0.37 1.16 3.91
N LYS A 279 -0.65 2.44 3.66
CA LYS A 279 -1.56 2.79 2.57
C LYS A 279 -0.91 2.69 1.20
N PHE A 280 0.33 3.17 1.08
CA PHE A 280 0.96 3.40 -0.22
C PHE A 280 2.00 2.38 -0.67
N SER A 281 2.48 1.51 0.22
CA SER A 281 3.58 0.59 -0.11
C SER A 281 3.15 -0.70 -0.81
N PHE A 282 1.89 -1.09 -0.63
CA PHE A 282 1.36 -2.36 -1.13
C PHE A 282 2.20 -3.58 -0.74
N THR A 283 2.52 -3.63 0.54
CA THR A 283 3.15 -4.78 1.15
C THR A 283 2.19 -5.23 2.24
N ASN A 284 2.33 -6.46 2.69
CA ASN A 284 1.81 -6.80 3.99
C ASN A 284 2.92 -7.47 4.77
N GLN A 285 3.36 -6.77 5.81
CA GLN A 285 4.54 -7.14 6.55
C GLN A 285 4.15 -7.89 7.80
N PRO A 286 4.98 -8.86 8.22
CA PRO A 286 4.71 -9.57 9.48
C PRO A 286 4.94 -8.72 10.71
N SER A 287 5.70 -7.65 10.56
CA SER A 287 5.97 -6.69 11.63
C SER A 287 6.10 -5.30 11.05
N TYR A 288 5.77 -4.29 11.87
CA TYR A 288 5.90 -2.90 11.47
C TYR A 288 6.82 -2.13 12.43
N SER A 289 7.76 -2.84 13.05
CA SER A 289 8.84 -2.17 13.77
C SER A 289 9.71 -1.46 12.73
N LEU A 290 10.31 -0.35 13.12
CA LEU A 290 11.16 0.40 12.21
C LEU A 290 12.39 -0.40 11.81
N ASP A 291 12.94 -1.21 12.74
CA ASP A 291 14.04 -2.11 12.41
C ASP A 291 13.69 -3.06 11.28
N TYR A 292 12.53 -3.69 11.38
CA TYR A 292 12.10 -4.66 10.38
C TYR A 292 11.88 -3.98 9.02
N ILE A 293 11.21 -2.83 9.02
CA ILE A 293 10.89 -2.16 7.76
C ILE A 293 12.15 -1.58 7.13
N SER A 294 13.03 -1.03 7.96
CA SER A 294 14.31 -0.51 7.48
C SER A 294 15.13 -1.60 6.82
N GLU A 295 15.18 -2.78 7.44
CA GLU A 295 15.93 -3.89 6.87
C GLU A 295 15.29 -4.32 5.56
N PHE A 296 13.96 -4.41 5.55
CA PHE A 296 13.24 -4.78 4.33
C PHE A 296 13.47 -3.77 3.20
N GLU A 297 13.40 -2.48 3.53
CA GLU A 297 13.43 -1.44 2.49
C GLU A 297 14.85 -1.07 2.07
N LEU A 298 15.77 -1.07 3.03
CA LEU A 298 17.09 -0.49 2.86
C LEU A 298 18.25 -1.48 2.97
N ASN A 299 17.98 -2.72 3.37
CA ASN A 299 19.05 -3.71 3.56
C ASN A 299 20.06 -3.32 4.65
N VAL A 300 19.64 -2.49 5.61
CA VAL A 300 20.50 -2.15 6.74
C VAL A 300 20.27 -3.14 7.88
N GLY A 301 21.25 -3.27 8.76
CA GLY A 301 21.16 -4.18 9.89
C GLY A 301 20.38 -3.61 11.06
N LYS A 302 19.87 -4.51 11.90
CA LYS A 302 19.14 -4.13 13.11
C LYS A 302 20.08 -3.40 14.08
N LEU A 303 19.68 -2.23 14.56
CA LEU A 303 20.47 -1.50 15.57
C LEU A 303 20.53 -2.31 16.86
N LYS A 304 21.65 -3.02 17.07
CA LYS A 304 21.76 -3.91 18.22
C LYS A 304 22.36 -3.20 19.43
N TYR A 305 21.93 -3.65 20.60
CA TYR A 305 22.47 -3.17 21.86
C TYR A 305 22.27 -4.27 22.91
N ASP A 306 23.17 -4.33 23.88
CA ASP A 306 23.06 -5.34 24.92
C ASP A 306 22.06 -4.90 25.99
N GLY A 307 21.25 -5.83 26.47
CA GLY A 307 20.31 -5.56 27.56
C GLY A 307 19.04 -4.88 27.09
N PRO A 308 18.04 -4.76 27.99
CA PRO A 308 16.75 -4.18 27.63
C PRO A 308 16.82 -2.66 27.43
N ILE A 309 15.90 -2.13 26.63
CA ILE A 309 15.91 -0.69 26.31
C ILE A 309 15.64 0.18 27.55
N SER A 310 14.94 -0.36 28.53
CA SER A 310 14.71 0.34 29.79
C SER A 310 16.01 0.63 30.54
N LYS A 311 17.08 -0.09 30.22
CA LYS A 311 18.37 0.10 30.88
C LYS A 311 19.47 0.56 29.92
N LEU A 312 19.12 0.94 28.70
CA LEU A 312 20.11 1.32 27.70
C LEU A 312 20.70 2.69 27.99
N ARG A 313 19.86 3.63 28.42
CA ARG A 313 20.32 4.98 28.70
C ARG A 313 21.38 4.98 29.81
N GLU A 314 21.08 4.28 30.91
CA GLU A 314 22.01 4.17 32.03
C GLU A 314 23.28 3.41 31.67
N SER A 315 23.16 2.29 30.97
CA SER A 315 24.32 1.46 30.66
C SER A 315 25.14 1.97 29.47
N ASN A 316 24.49 2.61 28.50
CA ASN A 316 25.19 3.09 27.30
C ASN A 316 24.44 4.26 26.67
N HIS A 317 24.45 5.38 27.39
CA HIS A 317 23.84 6.62 26.93
C HIS A 317 24.37 7.06 25.57
N GLN A 318 25.66 6.82 25.32
CA GLN A 318 26.27 7.12 24.03
C GLN A 318 25.47 6.50 22.88
N ARG A 319 25.17 5.20 23.02
CA ARG A 319 24.48 4.45 21.98
C ARG A 319 23.02 4.81 21.93
N TYR A 320 22.43 5.01 23.11
CA TYR A 320 21.03 5.44 23.25
C TYR A 320 20.71 6.62 22.35
N ILE A 321 21.54 7.66 22.43
CA ILE A 321 21.32 8.89 21.65
C ILE A 321 21.60 8.67 20.16
N SER A 322 22.70 8.01 19.85
CA SER A 322 23.02 7.69 18.44
C SER A 322 21.86 6.94 17.79
N TYR A 323 21.28 5.99 18.49
CA TYR A 323 20.19 5.21 17.93
C TYR A 323 18.93 6.02 17.76
N ASN A 324 18.68 6.95 18.67
CA ASN A 324 17.58 7.93 18.50
C ASN A 324 17.76 8.73 17.20
N ILE A 325 18.99 9.20 16.98
CA ILE A 325 19.30 9.95 15.76
C ILE A 325 19.14 9.09 14.50
N ILE A 326 19.69 7.89 14.55
CA ILE A 326 19.66 7.00 13.39
C ILE A 326 18.24 6.62 13.00
N ALA A 327 17.38 6.39 14.00
CA ALA A 327 15.98 6.00 13.78
C ALA A 327 15.18 7.08 13.03
N VAL A 328 15.47 8.34 13.32
CA VAL A 328 14.86 9.44 12.59
C VAL A 328 15.38 9.44 11.15
N TYR A 329 16.69 9.24 10.98
CA TYR A 329 17.28 9.20 9.64
C TYR A 329 16.76 8.04 8.78
N ARG A 330 16.54 6.88 9.40
CA ARG A 330 16.01 5.71 8.68
CA ARG A 330 16.02 5.73 8.66
C ARG A 330 14.70 6.03 7.98
N VAL A 331 13.83 6.79 8.63
CA VAL A 331 12.54 7.16 8.00
C VAL A 331 12.75 8.05 6.79
N LEU A 332 13.67 8.98 6.89
CA LEU A 332 14.05 9.84 5.77
C LEU A 332 14.61 9.01 4.62
N GLN A 333 15.43 8.02 4.94
CA GLN A 333 15.98 7.12 3.93
C GLN A 333 14.87 6.31 3.25
N ILE A 334 13.94 5.77 4.04
CA ILE A 334 12.80 5.05 3.47
C ILE A 334 12.00 5.98 2.55
N ASP A 335 11.78 7.23 2.97
CA ASP A 335 11.03 8.17 2.12
C ASP A 335 11.79 8.63 0.88
N ALA A 336 13.11 8.71 0.96
CA ALA A 336 13.93 9.05 -0.22
C ALA A 336 13.73 7.98 -1.30
N LYS A 337 13.58 6.73 -0.86
CA LYS A 337 13.30 5.61 -1.75
C LYS A 337 11.83 5.62 -2.25
N ARG A 338 10.91 5.61 -1.30
CA ARG A 338 9.47 5.37 -1.60
C ARG A 338 8.73 6.61 -2.07
N GLN A 339 9.14 7.77 -1.55
CA GLN A 339 8.62 9.07 -1.96
C GLN A 339 7.11 9.25 -1.67
N PHE A 340 6.71 8.85 -0.47
CA PHE A 340 5.31 8.94 -0.06
C PHE A 340 4.92 10.35 0.40
N ILE A 341 5.86 11.10 0.96
CA ILE A 341 5.58 12.51 1.29
C ILE A 341 5.31 13.31 0.00
N ASN A 342 6.16 13.13 -1.01
CA ASN A 342 5.95 13.77 -2.31
C ASN A 342 4.58 13.41 -2.90
N LEU A 343 4.26 12.12 -2.88
CA LEU A 343 2.94 11.63 -3.33
C LEU A 343 1.81 12.30 -2.59
N SER A 344 1.95 12.41 -1.27
CA SER A 344 0.90 13.01 -0.45
C SER A 344 0.69 14.47 -0.79
N LEU A 345 1.79 15.20 -0.98
CA LEU A 345 1.69 16.61 -1.36
C LEU A 345 1.08 16.75 -2.75
N ASP A 346 1.53 15.95 -3.72
CA ASP A 346 0.96 15.98 -5.07
C ASP A 346 -0.55 15.81 -5.01
N MET A 347 -0.98 14.74 -4.34
CA MET A 347 -2.40 14.37 -4.30
C MET A 347 -3.23 15.42 -3.57
N GLY A 348 -2.72 15.91 -2.44
CA GLY A 348 -3.48 16.84 -1.60
C GLY A 348 -3.74 18.18 -2.27
N TYR A 349 -2.71 18.70 -2.94
CA TYR A 349 -2.79 19.97 -3.65
C TYR A 349 -3.61 19.82 -4.94
N TYR A 350 -3.50 18.68 -5.60
CA TYR A 350 -4.37 18.37 -6.74
C TYR A 350 -5.85 18.40 -6.37
N ALA A 351 -6.20 17.84 -5.22
CA ALA A 351 -7.59 17.74 -4.81
C ALA A 351 -8.09 18.99 -4.09
N LYS A 352 -7.17 19.78 -3.55
CA LYS A 352 -7.44 20.95 -2.71
C LYS A 352 -8.09 20.55 -1.40
N ILE A 353 -7.35 19.71 -0.68
CA ILE A 353 -7.78 19.17 0.59
C ILE A 353 -6.67 19.37 1.61
N GLN A 354 -6.97 19.16 2.88
CA GLN A 354 -5.94 19.09 3.90
C GLN A 354 -5.07 17.93 3.51
N ILE A 355 -3.76 18.08 3.64
CA ILE A 355 -2.85 17.04 3.18
C ILE A 355 -3.13 15.70 3.88
N GLN A 356 -3.47 15.71 5.16
CA GLN A 356 -3.79 14.44 5.87
C GLN A 356 -5.04 13.72 5.31
N SER A 357 -5.85 14.41 4.50
CA SER A 357 -7.03 13.77 3.89
C SER A 357 -6.72 12.84 2.72
N VAL A 358 -5.44 12.73 2.32
CA VAL A 358 -5.04 11.77 1.29
C VAL A 358 -5.26 10.32 1.73
N PHE A 359 -5.40 10.11 3.04
CA PHE A 359 -5.78 8.80 3.57
C PHE A 359 -7.22 8.39 3.21
N SER A 360 -8.03 9.36 2.78
CA SER A 360 -9.44 9.12 2.50
C SER A 360 -9.74 9.34 1.02
N PRO A 361 -9.91 8.26 0.25
CA PRO A 361 -10.30 8.43 -1.15
C PRO A 361 -11.65 9.16 -1.30
N ILE A 362 -12.56 8.95 -0.35
CA ILE A 362 -13.85 9.61 -0.37
C ILE A 362 -13.72 11.13 -0.23
N LYS A 363 -12.89 11.58 0.71
CA LYS A 363 -12.66 13.02 0.87
C LYS A 363 -11.95 13.59 -0.37
N THR A 364 -10.94 12.87 -0.84
CA THR A 364 -10.15 13.28 -2.00
C THR A 364 -11.04 13.48 -3.23
N TRP A 365 -11.88 12.50 -3.52
CA TRP A 365 -12.79 12.56 -4.68
C TRP A 365 -13.92 13.57 -4.50
N ASP A 366 -14.44 13.68 -3.29
CA ASP A 366 -15.45 14.69 -3.00
C ASP A 366 -14.93 16.07 -3.36
N ALA A 367 -13.68 16.36 -2.98
CA ALA A 367 -13.03 17.64 -3.28
C ALA A 367 -12.75 17.84 -4.77
N ILE A 368 -12.24 16.80 -5.44
CA ILE A 368 -11.94 16.90 -6.87
C ILE A 368 -13.21 17.20 -7.67
N ILE A 369 -14.26 16.45 -7.38
CA ILE A 369 -15.53 16.57 -8.08
C ILE A 369 -16.22 17.91 -7.77
N PHE A 370 -16.16 18.33 -6.51
CA PHE A 370 -16.69 19.63 -6.10
C PHE A 370 -16.03 20.77 -6.88
N ASN A 371 -14.70 20.76 -6.94
CA ASN A 371 -13.97 21.81 -7.64
C ASN A 371 -14.26 21.79 -9.14
N SER A 372 -14.28 20.60 -9.74
CA SER A 372 -14.66 20.48 -11.15
C SER A 372 -16.05 21.06 -11.43
N LEU A 373 -17.01 20.74 -10.56
CA LEU A 373 -18.40 21.19 -10.73
C LEU A 373 -18.57 22.70 -10.46
N LYS A 374 -17.90 23.19 -9.43
CA LYS A 374 -17.89 24.62 -9.12
C LYS A 374 -17.45 25.46 -10.32
N GLU A 375 -16.42 25.01 -11.02
CA GLU A 375 -15.90 25.69 -12.23
C GLU A 375 -16.96 25.93 -13.31
N GLN A 376 -17.97 25.06 -13.37
CA GLN A 376 -19.07 25.23 -14.30
C GLN A 376 -20.29 25.85 -13.63
N ASN A 377 -20.10 26.50 -12.48
CA ASN A 377 -21.21 27.05 -11.69
C ASN A 377 -22.29 26.04 -11.30
N LYS A 378 -21.91 24.77 -11.20
CA LYS A 378 -22.84 23.73 -10.80
C LYS A 378 -22.80 23.52 -9.30
N VAL A 379 -23.90 23.01 -8.77
CA VAL A 379 -24.10 22.90 -7.33
C VAL A 379 -24.17 21.41 -6.93
N ILE A 380 -23.35 21.02 -5.95
CA ILE A 380 -23.23 19.61 -5.56
C ILE A 380 -24.39 19.19 -4.67
N PRO A 381 -24.81 17.91 -4.78
CA PRO A 381 -25.96 17.44 -4.01
C PRO A 381 -25.64 17.31 -2.54
N GLN A 382 -26.68 17.36 -1.71
CA GLN A 382 -26.51 17.11 -0.30
C GLN A 382 -26.15 15.65 -0.06
N GLY A 383 -25.25 15.41 0.88
CA GLY A 383 -24.94 14.04 1.30
C GLY A 383 -26.16 13.47 2.01
N ARG A 384 -26.48 12.21 1.70
CA ARG A 384 -27.63 11.54 2.28
C ARG A 384 -27.27 10.25 2.97
N SER A 385 -28.14 9.83 3.88
CA SER A 385 -27.98 8.58 4.60
C SER A 385 -28.47 7.45 3.70
N HIS A 386 -27.75 6.33 3.71
CA HIS A 386 -28.16 5.13 3.00
C HIS A 386 -27.88 3.91 3.86
N PRO A 387 -28.75 2.89 3.80
CA PRO A 387 -28.41 1.66 4.52
C PRO A 387 -27.35 0.84 3.78
N VAL A 388 -26.52 0.11 4.51
CA VAL A 388 -25.50 -0.73 3.87
C VAL A 388 -26.18 -1.89 3.13
N GLN A 389 -25.81 -2.07 1.88
CA GLN A 389 -26.43 -3.04 0.98
C GLN A 389 -25.30 -3.78 0.21
N PRO A 390 -25.16 -5.11 0.42
CA PRO A 390 -24.18 -5.82 -0.40
C PRO A 390 -24.56 -5.80 -1.88
N TYR A 391 -23.57 -5.85 -2.76
CA TYR A 391 -23.83 -5.86 -4.18
C TYR A 391 -22.80 -6.70 -4.90
N PRO A 392 -23.11 -7.16 -6.12
CA PRO A 392 -22.20 -8.09 -6.79
C PRO A 392 -21.00 -7.44 -7.44
N GLY A 393 -19.90 -8.19 -7.43
CA GLY A 393 -18.62 -7.71 -7.93
C GLY A 393 -18.19 -8.49 -9.15
N ALA A 394 -16.93 -8.94 -9.13
CA ALA A 394 -16.29 -9.52 -10.30
C ALA A 394 -16.61 -11.01 -10.51
N PHE A 395 -16.38 -11.46 -11.74
CA PHE A 395 -16.46 -12.87 -12.09
C PHE A 395 -15.07 -13.47 -12.01
N VAL A 396 -14.98 -14.63 -11.40
CA VAL A 396 -13.77 -15.44 -11.36
C VAL A 396 -14.09 -16.85 -11.85
N LYS A 397 -13.39 -17.27 -12.90
CA LYS A 397 -13.55 -18.59 -13.48
C LYS A 397 -12.96 -19.67 -12.56
N GLU A 398 -13.65 -20.80 -12.46
CA GLU A 398 -13.13 -21.96 -11.73
C GLU A 398 -12.14 -22.68 -12.63
N PRO A 399 -10.86 -22.73 -12.24
CA PRO A 399 -9.91 -23.42 -13.11
C PRO A 399 -9.89 -24.92 -12.82
N ILE A 400 -9.53 -25.70 -13.82
CA ILE A 400 -9.25 -27.12 -13.59
C ILE A 400 -7.87 -27.22 -12.95
N PRO A 401 -7.79 -27.73 -11.70
CA PRO A 401 -6.47 -27.81 -11.06
C PRO A 401 -5.54 -28.70 -11.86
N ASN A 402 -4.34 -28.22 -12.13
CA ASN A 402 -3.44 -28.92 -13.04
C ASN A 402 -2.15 -28.17 -13.24
N ARG A 403 -1.19 -28.87 -13.83
CA ARG A 403 -0.05 -28.21 -14.40
C ARG A 403 -0.48 -27.60 -15.71
N TYR A 404 0.16 -26.49 -16.08
CA TYR A 404 -0.13 -25.83 -17.34
C TYR A 404 1.20 -25.38 -17.90
N LYS A 405 1.64 -26.02 -18.99
CA LYS A 405 3.02 -25.89 -19.44
C LYS A 405 3.31 -24.51 -20.03
N TYR A 406 2.56 -24.14 -21.06
CA TYR A 406 2.76 -22.87 -21.75
C TYR A 406 1.53 -21.99 -21.55
N VAL A 407 1.73 -20.80 -20.96
CA VAL A 407 0.62 -19.89 -20.66
C VAL A 407 0.93 -18.46 -21.10
N MET A 408 -0.09 -17.81 -21.66
CA MET A 408 -0.05 -16.39 -21.96
C MET A 408 -1.23 -15.71 -21.31
N SER A 409 -0.99 -14.63 -20.60
CA SER A 409 -2.05 -13.92 -19.91
C SER A 409 -2.27 -12.54 -20.52
N PHE A 410 -3.48 -12.04 -20.40
CA PHE A 410 -3.86 -10.74 -20.92
C PHE A 410 -4.81 -10.15 -19.91
N ASP A 411 -4.79 -8.83 -19.73
CA ASP A 411 -5.82 -8.19 -18.92
C ASP A 411 -6.06 -6.75 -19.32
N LEU A 412 -7.16 -6.20 -18.83
CA LEU A 412 -7.59 -4.85 -19.22
C LEU A 412 -6.75 -3.80 -18.54
N THR A 413 -6.36 -2.78 -19.30
CA THR A 413 -5.73 -1.59 -18.75
C THR A 413 -6.75 -0.84 -17.90
N SER A 414 -6.37 -0.53 -16.65
CA SER A 414 -7.26 0.17 -15.70
C SER A 414 -8.73 -0.18 -15.92
N ALA A 415 -9.08 -1.42 -15.61
CA ALA A 415 -10.34 -1.99 -16.07
C ALA A 415 -11.56 -1.17 -15.65
N TYR A 416 -11.73 -0.95 -14.35
CA TYR A 416 -12.96 -0.31 -13.89
C TYR A 416 -13.06 1.18 -14.28
N PRO A 417 -11.96 1.94 -14.15
CA PRO A 417 -12.01 3.31 -14.69
C PRO A 417 -12.27 3.36 -16.20
N SER A 418 -11.74 2.41 -16.96
CA SER A 418 -11.96 2.37 -18.39
C SER A 418 -13.42 2.06 -18.70
N ILE A 419 -14.03 1.19 -17.90
CA ILE A 419 -15.46 0.89 -18.01
C ILE A 419 -16.31 2.14 -17.76
N ILE A 420 -16.00 2.85 -16.68
CA ILE A 420 -16.66 4.13 -16.37
C ILE A 420 -16.60 5.08 -17.57
N ARG A 421 -15.43 5.20 -18.18
CA ARG A 421 -15.22 6.12 -19.30
C ARG A 421 -15.92 5.66 -20.58
N GLN A 422 -15.86 4.36 -20.83
CA GLN A 422 -16.49 3.78 -22.01
C GLN A 422 -17.99 3.92 -21.96
N VAL A 423 -18.57 3.56 -20.82
CA VAL A 423 -20.02 3.54 -20.66
C VAL A 423 -20.54 4.95 -20.36
N ASN A 424 -19.68 5.79 -19.77
CA ASN A 424 -20.02 7.17 -19.38
C ASN A 424 -20.87 7.19 -18.12
N ILE A 425 -20.38 6.48 -17.12
CA ILE A 425 -21.07 6.30 -15.85
C ILE A 425 -20.76 7.48 -14.92
N SER A 426 -21.81 8.20 -14.54
CA SER A 426 -21.70 9.37 -13.68
C SER A 426 -23.07 9.60 -13.07
N PRO A 427 -23.15 10.29 -11.92
CA PRO A 427 -24.47 10.56 -11.35
C PRO A 427 -25.41 11.34 -12.28
N GLU A 428 -24.86 12.23 -13.10
CA GLU A 428 -25.67 13.12 -13.92
C GLU A 428 -25.82 12.65 -15.38
N THR A 429 -25.22 11.53 -15.75
CA THR A 429 -25.34 11.04 -17.12
C THR A 429 -26.36 9.92 -17.25
N ILE A 430 -27.08 9.61 -16.18
CA ILE A 430 -28.05 8.52 -16.22
C ILE A 430 -29.22 8.95 -17.12
N ALA A 431 -29.52 8.14 -18.12
CA ALA A 431 -30.59 8.44 -19.08
C ALA A 431 -31.85 7.62 -18.86
N GLY A 432 -31.75 6.50 -18.15
CA GLY A 432 -32.90 5.62 -17.92
C GLY A 432 -32.50 4.17 -17.75
N THR A 433 -33.45 3.26 -17.97
CA THR A 433 -33.20 1.82 -17.82
C THR A 433 -33.75 1.03 -18.99
N PHE A 434 -33.31 -0.22 -19.10
CA PHE A 434 -33.89 -1.16 -20.05
C PHE A 434 -34.09 -2.48 -19.33
N LYS A 435 -34.93 -3.31 -19.91
CA LYS A 435 -35.28 -4.59 -19.31
C LYS A 435 -34.13 -5.58 -19.50
N VAL A 436 -33.59 -6.09 -18.39
CA VAL A 436 -32.38 -6.92 -18.47
C VAL A 436 -32.69 -8.36 -18.84
N ALA A 437 -31.85 -8.93 -19.70
CA ALA A 437 -31.86 -10.35 -19.98
C ALA A 437 -30.85 -10.98 -19.04
N PRO A 438 -30.90 -12.31 -18.87
CA PRO A 438 -29.84 -12.99 -18.13
C PRO A 438 -28.47 -12.65 -18.70
N LEU A 439 -27.47 -12.56 -17.83
CA LEU A 439 -26.13 -12.10 -18.22
C LEU A 439 -25.53 -12.94 -19.34
N HIS A 440 -25.72 -14.25 -19.26
CA HIS A 440 -25.18 -15.18 -20.26
C HIS A 440 -25.67 -14.91 -21.68
N ASP A 441 -26.86 -14.31 -21.81
CA ASP A 441 -27.42 -13.92 -23.11
C ASP A 441 -26.65 -12.77 -23.76
N TYR A 442 -26.16 -11.83 -22.94
CA TYR A 442 -25.29 -10.77 -23.46
C TYR A 442 -23.93 -11.36 -23.80
N ILE A 443 -23.42 -12.21 -22.92
CA ILE A 443 -22.11 -12.83 -23.10
C ILE A 443 -22.06 -13.58 -24.43
N ASN A 444 -23.16 -14.25 -24.77
CA ASN A 444 -23.28 -15.00 -26.04
C ASN A 444 -23.99 -14.24 -27.17
N ALA A 445 -24.21 -12.95 -26.99
CA ALA A 445 -24.75 -12.08 -28.04
C ALA A 445 -26.09 -12.59 -28.62
N VAL A 446 -26.92 -13.18 -27.77
CA VAL A 446 -28.28 -13.57 -28.17
C VAL A 446 -29.34 -12.61 -27.63
N ALA A 447 -29.01 -11.87 -26.58
CA ALA A 447 -29.95 -10.91 -26.02
C ALA A 447 -30.16 -9.74 -26.99
N GLU A 448 -31.37 -9.20 -26.95
CA GLU A 448 -31.72 -8.01 -27.73
C GLU A 448 -30.75 -6.88 -27.39
N ARG A 449 -30.38 -6.09 -28.40
CA ARG A 449 -29.55 -4.91 -28.18
C ARG A 449 -30.25 -3.97 -27.20
N PRO A 450 -29.59 -3.64 -26.08
CA PRO A 450 -30.25 -2.82 -25.07
C PRO A 450 -30.83 -1.50 -25.59
N SER A 451 -30.07 -0.79 -26.41
CA SER A 451 -30.48 0.52 -26.89
C SER A 451 -29.69 0.95 -28.13
N ASP A 452 -30.36 1.63 -29.06
CA ASP A 452 -29.66 2.24 -30.19
C ASP A 452 -29.50 3.75 -30.01
N VAL A 453 -29.87 4.25 -28.83
CA VAL A 453 -29.78 5.66 -28.50
C VAL A 453 -28.75 5.96 -27.41
N TYR A 454 -28.79 5.15 -26.34
CA TYR A 454 -27.97 5.40 -25.14
C TYR A 454 -26.87 4.34 -24.94
N SER A 455 -25.88 4.69 -24.12
CA SER A 455 -24.77 3.80 -23.78
C SER A 455 -25.15 2.95 -22.58
N CYS A 456 -24.93 1.65 -22.67
CA CYS A 456 -25.53 0.71 -21.74
C CYS A 456 -24.57 -0.20 -20.99
N SER A 457 -25.03 -0.68 -19.85
CA SER A 457 -24.38 -1.73 -19.10
C SER A 457 -25.40 -2.83 -18.91
N PRO A 458 -24.95 -4.10 -18.88
CA PRO A 458 -25.89 -5.22 -18.74
C PRO A 458 -26.58 -5.35 -17.38
N ASN A 459 -26.36 -4.38 -16.47
CA ASN A 459 -27.18 -4.30 -15.27
C ASN A 459 -28.52 -3.60 -15.48
N GLY A 460 -28.77 -3.05 -16.67
CA GLY A 460 -30.05 -2.43 -17.00
C GLY A 460 -30.02 -0.92 -17.11
N MET A 461 -28.85 -0.33 -16.85
CA MET A 461 -28.68 1.12 -16.88
C MET A 461 -28.29 1.69 -18.25
N MET A 462 -28.78 2.89 -18.54
CA MET A 462 -28.48 3.59 -19.78
C MET A 462 -27.99 4.98 -19.44
N TYR A 463 -27.00 5.43 -20.21
CA TYR A 463 -26.33 6.71 -19.97
C TYR A 463 -26.27 7.51 -21.26
N TYR A 464 -26.32 8.83 -21.11
CA TYR A 464 -26.18 9.74 -22.25
C TYR A 464 -24.81 9.57 -22.90
N LYS A 465 -24.78 9.62 -24.24
CA LYS A 465 -23.57 9.44 -25.02
C LYS A 465 -22.88 10.74 -25.39
N ASP A 466 -23.66 11.79 -25.58
CA ASP A 466 -23.17 13.02 -26.21
C ASP A 466 -22.89 14.15 -25.20
N ARG A 467 -22.76 13.81 -23.93
CA ARG A 467 -22.39 14.78 -22.92
C ARG A 467 -21.47 14.13 -21.89
N ASP A 468 -20.57 14.91 -21.34
CA ASP A 468 -19.53 14.34 -20.50
C ASP A 468 -19.99 14.33 -19.04
N GLY A 469 -19.70 13.23 -18.36
CA GLY A 469 -19.95 13.12 -16.94
C GLY A 469 -18.73 13.61 -16.17
N VAL A 470 -18.98 14.23 -15.02
CA VAL A 470 -17.90 14.67 -14.15
C VAL A 470 -17.03 13.50 -13.65
N VAL A 471 -17.64 12.35 -13.42
CA VAL A 471 -16.88 11.20 -12.96
C VAL A 471 -15.90 10.75 -14.06
N PRO A 472 -16.41 10.47 -15.27
CA PRO A 472 -15.49 10.15 -16.38
C PRO A 472 -14.44 11.22 -16.66
N THR A 473 -14.84 12.48 -16.60
CA THR A 473 -13.95 13.60 -16.90
C THR A 473 -12.77 13.59 -15.94
N GLU A 474 -13.07 13.52 -14.65
CA GLU A 474 -12.04 13.65 -13.62
C GLU A 474 -11.23 12.37 -13.42
N ILE A 475 -11.87 11.21 -13.61
CA ILE A 475 -11.15 9.95 -13.54
C ILE A 475 -10.16 9.83 -14.70
N THR A 476 -10.50 10.39 -15.86
CA THR A 476 -9.59 10.37 -17.02
C THR A 476 -8.30 11.17 -16.75
N LYS A 477 -8.43 12.31 -16.07
CA LYS A 477 -7.27 13.15 -15.74
C LYS A 477 -6.25 12.37 -14.89
N VAL A 478 -6.71 11.70 -13.85
CA VAL A 478 -5.83 10.93 -12.97
C VAL A 478 -5.30 9.68 -13.69
N PHE A 479 -6.14 9.01 -14.48
CA PHE A 479 -5.67 7.90 -15.29
C PHE A 479 -4.50 8.30 -16.21
N ASN A 480 -4.62 9.46 -16.85
CA ASN A 480 -3.52 9.92 -17.72
C ASN A 480 -2.22 10.21 -16.97
N GLN A 481 -2.31 10.71 -15.74
CA GLN A 481 -1.11 10.85 -14.90
C GLN A 481 -0.56 9.49 -14.57
N ARG A 482 -1.45 8.57 -14.21
CA ARG A 482 -1.08 7.21 -13.91
C ARG A 482 -0.31 6.58 -15.07
N LYS A 483 -0.82 6.76 -16.28
CA LYS A 483 -0.22 6.16 -17.47
C LYS A 483 1.19 6.67 -17.74
N GLU A 484 1.38 7.96 -17.57
CA GLU A 484 2.70 8.58 -17.71
C GLU A 484 3.70 7.92 -16.75
N HIS A 485 3.38 7.90 -15.47
CA HIS A 485 4.29 7.34 -14.47
C HIS A 485 4.54 5.86 -14.68
N LYS A 486 3.52 5.09 -15.06
CA LYS A 486 3.72 3.67 -15.34
C LYS A 486 4.70 3.47 -16.50
N GLY A 487 4.58 4.30 -17.55
CA GLY A 487 5.55 4.30 -18.63
C GLY A 487 6.98 4.47 -18.15
N TYR A 488 7.19 5.42 -17.23
CA TYR A 488 8.51 5.63 -16.63
C TYR A 488 8.97 4.44 -15.81
N MET A 489 8.08 3.84 -15.04
CA MET A 489 8.41 2.66 -14.24
C MET A 489 8.86 1.50 -15.12
N LEU A 490 8.09 1.25 -16.19
CA LEU A 490 8.40 0.14 -17.10
C LEU A 490 9.68 0.39 -17.87
N ALA A 491 9.94 1.64 -18.27
CA ALA A 491 11.21 1.95 -18.93
C ALA A 491 12.37 1.63 -17.99
N ALA A 492 12.26 2.05 -16.73
CA ALA A 492 13.32 1.83 -15.74
C ALA A 492 13.53 0.35 -15.51
N GLN A 493 12.44 -0.40 -15.49
CA GLN A 493 12.48 -1.84 -15.36
C GLN A 493 13.23 -2.49 -16.53
N ARG A 494 12.92 -2.07 -17.75
CA ARG A 494 13.58 -2.59 -18.95
C ARG A 494 15.07 -2.24 -18.95
N ASN A 495 15.36 -1.00 -18.58
CA ASN A 495 16.73 -0.54 -18.44
C ASN A 495 17.50 -1.37 -17.42
N GLY A 496 16.84 -1.71 -16.32
CA GLY A 496 17.45 -2.58 -15.31
C GLY A 496 17.91 -3.92 -15.87
N GLU A 497 17.07 -4.54 -16.71
CA GLU A 497 17.41 -5.82 -17.32
C GLU A 497 18.57 -5.70 -18.31
N ILE A 498 18.64 -4.60 -19.05
CA ILE A 498 19.80 -4.33 -19.89
C ILE A 498 21.08 -4.32 -19.05
N ILE A 499 21.01 -3.74 -17.87
CA ILE A 499 22.18 -3.64 -17.00
C ILE A 499 22.51 -5.01 -16.42
N LYS A 500 21.48 -5.76 -16.05
CA LYS A 500 21.69 -7.10 -15.53
C LYS A 500 22.36 -8.01 -16.57
N GLU A 501 21.90 -7.90 -17.82
CA GLU A 501 22.54 -8.64 -18.91
C GLU A 501 24.02 -8.27 -19.05
N ALA A 502 24.33 -6.98 -18.98
CA ALA A 502 25.72 -6.51 -19.13
C ALA A 502 26.61 -6.96 -17.98
N LEU A 503 26.02 -7.19 -16.81
CA LEU A 503 26.77 -7.65 -15.64
C LEU A 503 27.31 -9.07 -15.78
N HIS A 504 26.86 -9.81 -16.80
CA HIS A 504 27.43 -11.12 -17.09
C HIS A 504 28.86 -11.01 -17.61
N ASN A 505 29.21 -9.86 -18.20
CA ASN A 505 30.56 -9.64 -18.76
C ASN A 505 31.11 -8.26 -18.43
N PRO A 506 31.41 -8.01 -17.16
CA PRO A 506 31.92 -6.69 -16.77
C PRO A 506 33.32 -6.45 -17.28
N ASN A 507 33.68 -5.19 -17.47
CA ASN A 507 35.02 -4.83 -17.94
C ASN A 507 35.93 -4.49 -16.78
N LEU A 508 37.20 -4.86 -16.92
CA LEU A 508 38.22 -4.55 -15.93
C LEU A 508 38.74 -3.16 -16.24
N SER A 509 38.10 -2.16 -15.64
CA SER A 509 38.52 -0.78 -15.79
C SER A 509 37.96 0.07 -14.65
N VAL A 510 38.51 1.28 -14.53
CA VAL A 510 38.00 2.26 -13.60
C VAL A 510 37.26 3.28 -14.44
N ASP A 511 35.95 3.38 -14.19
CA ASP A 511 35.10 4.31 -14.91
C ASP A 511 34.00 4.83 -13.99
N GLU A 512 33.10 5.64 -14.56
CA GLU A 512 31.98 6.18 -13.81
C GLU A 512 30.66 5.68 -14.40
N PRO A 513 29.58 5.66 -13.59
CA PRO A 513 28.28 5.35 -14.15
C PRO A 513 27.84 6.44 -15.12
N LEU A 514 27.11 6.05 -16.16
CA LEU A 514 26.66 7.00 -17.18
C LEU A 514 25.60 7.94 -16.63
N ASP A 515 25.68 9.21 -17.02
CA ASP A 515 24.65 10.19 -16.68
C ASP A 515 23.47 10.06 -17.64
N VAL A 516 22.45 9.31 -17.20
CA VAL A 516 21.27 9.04 -18.01
C VAL A 516 19.98 9.22 -17.22
N ASP A 517 18.89 9.46 -17.94
CA ASP A 517 17.55 9.45 -17.36
C ASP A 517 16.98 8.04 -17.52
N TYR A 518 16.81 7.36 -16.41
CA TYR A 518 16.39 5.96 -16.38
C TYR A 518 14.91 5.76 -16.70
N ARG A 519 14.16 6.86 -16.73
CA ARG A 519 12.76 6.85 -17.08
C ARG A 519 12.47 6.65 -18.57
N PHE A 520 13.51 6.65 -19.41
CA PHE A 520 13.34 6.45 -20.86
C PHE A 520 14.26 5.33 -21.33
N ASP A 521 13.76 4.50 -22.25
CA ASP A 521 14.53 3.39 -22.78
C ASP A 521 15.89 3.85 -23.28
N PHE A 522 16.95 3.15 -22.87
CA PHE A 522 18.32 3.53 -23.25
C PHE A 522 18.45 3.54 -24.76
N SER A 523 19.16 4.53 -25.27
CA SER A 523 19.51 4.59 -26.69
C SER A 523 20.53 3.50 -27.01
N ASP A 524 20.67 3.17 -28.29
CA ASP A 524 21.70 2.21 -28.72
C ASP A 524 23.10 2.64 -28.26
N GLU A 525 23.37 3.94 -28.31
CA GLU A 525 24.69 4.45 -27.92
C GLU A 525 24.95 4.27 -26.42
N ILE A 526 23.92 4.46 -25.61
CA ILE A 526 24.04 4.13 -24.18
C ILE A 526 24.27 2.63 -24.00
N LYS A 527 23.54 1.81 -24.75
CA LYS A 527 23.70 0.35 -24.66
C LYS A 527 25.13 -0.11 -25.00
N GLU A 528 25.74 0.52 -26.00
CA GLU A 528 27.12 0.19 -26.37
C GLU A 528 28.10 0.55 -25.26
N LYS A 529 27.90 1.71 -24.64
CA LYS A 529 28.79 2.17 -23.57
C LYS A 529 28.66 1.30 -22.33
N ILE A 530 27.43 0.85 -22.06
CA ILE A 530 27.14 -0.02 -20.94
C ILE A 530 27.93 -1.33 -21.07
N LYS A 531 28.05 -1.85 -22.28
CA LYS A 531 28.78 -3.10 -22.51
C LYS A 531 30.29 -2.99 -22.25
N LYS A 532 30.80 -1.77 -22.10
CA LYS A 532 32.20 -1.54 -21.77
C LYS A 532 32.45 -1.09 -20.33
N LEU A 533 31.40 -1.02 -19.51
CA LEU A 533 31.55 -0.56 -18.13
C LEU A 533 32.00 -1.67 -17.19
N SER A 534 32.63 -1.25 -16.10
CA SER A 534 33.01 -2.15 -15.01
C SER A 534 31.81 -2.59 -14.20
N ALA A 535 32.00 -3.64 -13.40
CA ALA A 535 30.99 -4.12 -12.46
C ALA A 535 30.60 -3.01 -11.49
N LYS A 536 31.60 -2.32 -10.94
CA LYS A 536 31.39 -1.17 -10.07
C LYS A 536 30.38 -0.19 -10.69
N SER A 537 30.69 0.33 -11.87
CA SER A 537 29.82 1.30 -12.53
C SER A 537 28.44 0.71 -12.87
N LEU A 538 28.41 -0.54 -13.34
CA LEU A 538 27.16 -1.20 -13.69
C LEU A 538 26.24 -1.38 -12.47
N ASN A 539 26.81 -1.83 -11.36
CA ASN A 539 26.03 -2.03 -10.13
C ASN A 539 25.46 -0.74 -9.57
N GLU A 540 26.20 0.36 -9.73
CA GLU A 540 25.68 1.67 -9.34
C GLU A 540 24.53 2.07 -10.28
N MET A 541 24.70 1.82 -11.58
CA MET A 541 23.64 2.13 -12.55
C MET A 541 22.39 1.31 -12.24
N LEU A 542 22.57 0.04 -11.91
CA LEU A 542 21.45 -0.84 -11.59
C LEU A 542 20.67 -0.33 -10.38
N PHE A 543 21.40 0.13 -9.35
CA PHE A 543 20.78 0.74 -8.17
C PHE A 543 19.93 1.97 -8.53
N ARG A 544 20.45 2.82 -9.41
CA ARG A 544 19.74 4.04 -9.80
C ARG A 544 18.50 3.72 -10.64
N ALA A 545 18.64 2.74 -11.51
CA ALA A 545 17.51 2.27 -12.32
C ALA A 545 16.41 1.71 -11.42
N GLN A 546 16.80 0.96 -10.40
CA GLN A 546 15.85 0.36 -9.48
C GLN A 546 15.17 1.42 -8.61
N ARG A 547 15.92 2.44 -8.18
CA ARG A 547 15.31 3.57 -7.49
C ARG A 547 14.35 4.34 -8.38
N THR A 548 14.69 4.51 -9.65
CA THR A 548 13.80 5.18 -10.59
C THR A 548 12.53 4.34 -10.79
N GLU A 549 12.68 3.03 -10.88
CA GLU A 549 11.53 2.12 -10.97
C GLU A 549 10.62 2.24 -9.73
N VAL A 550 11.20 2.25 -8.54
CA VAL A 550 10.41 2.35 -7.31
C VAL A 550 9.66 3.69 -7.27
N ALA A 551 10.32 4.76 -7.68
CA ALA A 551 9.68 6.09 -7.71
C ALA A 551 8.49 6.08 -8.67
N GLY A 552 8.69 5.51 -9.85
CA GLY A 552 7.60 5.33 -10.80
C GLY A 552 6.49 4.43 -10.28
N MET A 553 6.87 3.37 -9.56
CA MET A 553 5.90 2.46 -8.97
C MET A 553 5.01 3.22 -7.98
N THR A 554 5.63 3.92 -7.03
CA THR A 554 4.88 4.71 -6.06
C THR A 554 3.86 5.64 -6.74
N ALA A 555 4.32 6.36 -7.76
CA ALA A 555 3.50 7.35 -8.45
C ALA A 555 2.33 6.74 -9.23
N GLN A 556 2.56 5.63 -9.91
CA GLN A 556 1.52 5.02 -10.75
C GLN A 556 0.55 4.17 -9.95
N ILE A 557 1.05 3.31 -9.08
CA ILE A 557 0.18 2.37 -8.38
C ILE A 557 -0.78 3.08 -7.44
N ASN A 558 -0.37 4.22 -6.90
CA ASN A 558 -1.25 4.92 -5.98
C ASN A 558 -2.27 5.81 -6.67
N ARG A 559 -1.95 6.22 -7.88
CA ARG A 559 -2.91 6.91 -8.74
C ARG A 559 -3.91 5.88 -9.28
N LYS A 560 -3.40 4.70 -9.65
CA LYS A 560 -4.25 3.56 -9.96
C LYS A 560 -5.21 3.27 -8.78
N ALA A 561 -4.66 3.18 -7.58
CA ALA A 561 -5.50 2.96 -6.39
C ALA A 561 -6.55 4.07 -6.22
N LEU A 562 -6.20 5.31 -6.51
CA LEU A 562 -7.14 6.43 -6.35
C LEU A 562 -8.34 6.32 -7.30
N ILE A 563 -8.08 6.04 -8.57
CA ILE A 563 -9.18 5.91 -9.54
C ILE A 563 -10.02 4.64 -9.34
N ASN A 564 -9.37 3.53 -8.97
CA ASN A 564 -10.13 2.32 -8.60
C ASN A 564 -10.94 2.60 -7.35
N GLY A 565 -10.37 3.38 -6.44
CA GLY A 565 -11.09 3.84 -5.27
C GLY A 565 -12.35 4.64 -5.58
N LEU A 566 -12.38 5.35 -6.71
CA LEU A 566 -13.60 6.06 -7.12
C LEU A 566 -14.69 5.07 -7.53
N ALA A 567 -14.31 4.03 -8.27
CA ALA A 567 -15.27 3.01 -8.66
C ALA A 567 -15.87 2.32 -7.42
N GLY A 568 -15.02 2.03 -6.43
CA GLY A 568 -15.48 1.44 -5.17
C GLY A 568 -16.27 2.40 -4.32
N ALA A 569 -15.90 3.67 -4.32
CA ALA A 569 -16.60 4.68 -3.51
C ALA A 569 -18.07 4.85 -3.94
N LEU A 570 -18.36 4.61 -5.22
CA LEU A 570 -19.75 4.62 -5.68
C LEU A 570 -20.59 3.60 -4.93
N GLY A 571 -19.93 2.64 -4.29
CA GLY A 571 -20.60 1.64 -3.46
C GLY A 571 -20.38 1.81 -1.96
N ASN A 572 -19.91 2.96 -1.51
CA ASN A 572 -19.79 3.25 -0.08
C ASN A 572 -20.83 4.28 0.31
N VAL A 573 -21.65 3.96 1.32
CA VAL A 573 -22.82 4.79 1.69
C VAL A 573 -22.45 6.20 2.18
N TRP A 574 -21.19 6.41 2.54
CA TRP A 574 -20.71 7.75 2.96
C TRP A 574 -20.28 8.64 1.79
N PHE A 575 -20.17 8.07 0.59
CA PHE A 575 -19.79 8.86 -0.60
C PHE A 575 -21.01 9.68 -1.03
N ARG A 576 -20.79 10.98 -1.24
CA ARG A 576 -21.85 11.89 -1.69
C ARG A 576 -22.57 11.39 -2.95
N TYR A 577 -21.82 10.75 -3.85
CA TYR A 577 -22.38 10.21 -5.09
C TYR A 577 -22.57 8.68 -5.01
N TYR A 578 -22.81 8.16 -3.81
CA TYR A 578 -23.19 6.75 -3.65
C TYR A 578 -24.38 6.42 -4.54
N ASP A 579 -24.27 5.36 -5.32
CA ASP A 579 -25.37 4.92 -6.17
C ASP A 579 -25.09 3.51 -6.67
N LEU A 580 -25.84 2.55 -6.14
CA LEU A 580 -25.65 1.14 -6.50
C LEU A 580 -25.97 0.85 -7.97
N ARG A 581 -26.74 1.72 -8.62
CA ARG A 581 -26.98 1.59 -10.05
C ARG A 581 -25.69 1.83 -10.82
N ASN A 582 -24.90 2.81 -10.39
CA ASN A 582 -23.63 3.07 -11.03
C ASN A 582 -22.54 2.10 -10.59
N ALA A 583 -22.57 1.72 -9.31
CA ALA A 583 -21.59 0.75 -8.81
C ALA A 583 -21.73 -0.57 -9.54
N THR A 584 -22.97 -1.08 -9.61
CA THR A 584 -23.23 -2.35 -10.27
C THR A 584 -23.14 -2.26 -11.80
N ALA A 585 -23.37 -1.08 -12.35
CA ALA A 585 -23.21 -0.88 -13.80
C ALA A 585 -21.76 -1.22 -14.19
N ILE A 586 -20.82 -0.86 -13.32
CA ILE A 586 -19.41 -1.13 -13.52
C ILE A 586 -19.12 -2.63 -13.35
N THR A 587 -19.50 -3.21 -12.23
CA THR A 587 -19.13 -4.60 -11.94
C THR A 587 -19.80 -5.59 -12.90
N THR A 588 -21.04 -5.31 -13.27
CA THR A 588 -21.77 -6.20 -14.17
C THR A 588 -21.22 -6.14 -15.59
N PHE A 589 -20.87 -4.94 -16.04
CA PHE A 589 -20.22 -4.78 -17.35
C PHE A 589 -18.88 -5.54 -17.38
N GLY A 590 -18.11 -5.44 -16.29
CA GLY A 590 -16.86 -6.20 -16.15
C GLY A 590 -17.06 -7.70 -16.25
N GLN A 591 -18.11 -8.21 -15.61
CA GLN A 591 -18.40 -9.63 -15.70
C GLN A 591 -18.67 -10.06 -17.13
N MET A 592 -19.47 -9.25 -17.84
CA MET A 592 -19.76 -9.52 -19.25
C MET A 592 -18.48 -9.48 -20.09
N ALA A 593 -17.69 -8.44 -19.89
CA ALA A 593 -16.47 -8.22 -20.68
C ALA A 593 -15.52 -9.41 -20.64
N LEU A 594 -15.27 -9.90 -19.43
CA LEU A 594 -14.36 -11.03 -19.24
C LEU A 594 -14.88 -12.28 -19.96
N GLN A 595 -16.15 -12.59 -19.78
CA GLN A 595 -16.73 -13.81 -20.35
C GLN A 595 -17.00 -13.69 -21.86
N TRP A 596 -17.32 -12.48 -22.31
CA TRP A 596 -17.42 -12.19 -23.74
C TRP A 596 -16.07 -12.47 -24.41
N ILE A 597 -15.00 -11.90 -23.86
CA ILE A 597 -13.70 -12.04 -24.49
C ILE A 597 -13.12 -13.46 -24.36
N GLU A 598 -13.52 -14.18 -23.31
CA GLU A 598 -13.17 -15.59 -23.18
C GLU A 598 -13.70 -16.35 -24.39
N ARG A 599 -14.99 -16.14 -24.71
CA ARG A 599 -15.61 -16.77 -25.85
C ARG A 599 -14.88 -16.42 -27.14
N LYS A 600 -14.62 -15.13 -27.33
CA LYS A 600 -13.99 -14.64 -28.54
C LYS A 600 -12.58 -15.19 -28.71
N VAL A 601 -11.84 -15.34 -27.61
CA VAL A 601 -10.48 -15.87 -27.69
C VAL A 601 -10.51 -17.36 -28.07
N ASN A 602 -11.37 -18.14 -27.43
CA ASN A 602 -11.54 -19.56 -27.77
C ASN A 602 -11.91 -19.74 -29.24
N GLU A 603 -12.88 -18.95 -29.70
CA GLU A 603 -13.29 -18.96 -31.10
C GLU A 603 -12.11 -18.70 -32.02
N TYR A 604 -11.33 -17.66 -31.70
CA TYR A 604 -10.24 -17.26 -32.56
C TYR A 604 -9.15 -18.34 -32.64
N LEU A 605 -8.73 -18.86 -31.48
CA LEU A 605 -7.61 -19.80 -31.44
C LEU A 605 -7.94 -21.15 -32.07
N ASN A 606 -9.16 -21.63 -31.86
CA ASN A 606 -9.67 -22.80 -32.59
C ASN A 606 -9.60 -22.59 -34.10
N GLU A 607 -10.07 -21.42 -34.54
CA GLU A 607 -10.01 -21.08 -35.97
C GLU A 607 -8.57 -21.15 -36.51
N VAL A 608 -7.64 -20.40 -35.92
CA VAL A 608 -6.26 -20.37 -36.43
C VAL A 608 -5.52 -21.70 -36.29
N CYS A 609 -5.89 -22.50 -35.28
CA CYS A 609 -5.31 -23.83 -35.10
C CYS A 609 -6.05 -24.92 -35.89
N GLY A 610 -7.11 -24.54 -36.60
CA GLY A 610 -7.86 -25.48 -37.45
C GLY A 610 -8.72 -26.49 -36.71
N THR A 611 -9.05 -26.21 -35.45
CA THR A 611 -9.82 -27.13 -34.61
C THR A 611 -11.17 -26.52 -34.24
N GLU A 612 -11.91 -27.20 -33.37
CA GLU A 612 -13.23 -26.74 -32.95
C GLU A 612 -13.52 -27.24 -31.55
N GLY A 613 -14.03 -26.35 -30.69
CA GLY A 613 -14.50 -26.72 -29.36
C GLY A 613 -13.45 -26.90 -28.28
N GLU A 614 -12.18 -26.64 -28.61
CA GLU A 614 -11.11 -26.75 -27.63
C GLU A 614 -11.10 -25.52 -26.71
N ALA A 615 -10.86 -25.77 -25.42
CA ALA A 615 -10.86 -24.72 -24.40
C ALA A 615 -9.45 -24.17 -24.24
N PHE A 616 -9.20 -22.96 -24.76
CA PHE A 616 -7.88 -22.35 -24.67
C PHE A 616 -7.74 -21.50 -23.40
N VAL A 617 -8.78 -20.74 -23.06
CA VAL A 617 -8.77 -19.93 -21.86
C VAL A 617 -9.02 -20.86 -20.66
N LEU A 618 -8.03 -20.92 -19.76
CA LEU A 618 -8.06 -21.87 -18.64
C LEU A 618 -8.46 -21.22 -17.31
N TYR A 619 -8.43 -19.90 -17.26
CA TYR A 619 -8.68 -19.15 -16.02
C TYR A 619 -8.87 -17.66 -16.34
N GLY A 620 -9.53 -16.97 -15.43
CA GLY A 620 -9.67 -15.54 -15.48
C GLY A 620 -10.20 -15.03 -14.16
N ASP A 621 -9.83 -13.81 -13.82
CA ASP A 621 -10.28 -13.18 -12.58
C ASP A 621 -10.48 -11.68 -12.83
N THR A 622 -11.75 -11.27 -12.86
CA THR A 622 -12.17 -9.87 -12.94
C THR A 622 -12.01 -9.29 -14.34
N ASP A 623 -10.77 -9.18 -14.81
CA ASP A 623 -10.48 -8.57 -16.10
C ASP A 623 -9.33 -9.24 -16.86
N SER A 624 -8.95 -10.44 -16.44
CA SER A 624 -7.80 -11.14 -17.01
C SER A 624 -8.24 -12.46 -17.63
N ILE A 625 -7.48 -12.92 -18.62
CA ILE A 625 -7.59 -14.27 -19.12
C ILE A 625 -6.21 -14.91 -19.17
N TYR A 626 -6.18 -16.21 -18.92
CA TYR A 626 -4.98 -17.01 -18.99
C TYR A 626 -5.22 -18.05 -20.07
N VAL A 627 -4.42 -17.97 -21.14
CA VAL A 627 -4.57 -18.80 -22.31
C VAL A 627 -3.49 -19.88 -22.33
N SER A 628 -3.93 -21.13 -22.44
CA SER A 628 -3.02 -22.24 -22.66
C SER A 628 -2.46 -22.13 -24.07
N ALA A 629 -1.14 -22.00 -24.16
CA ALA A 629 -0.46 -21.86 -25.45
C ALA A 629 0.17 -23.16 -25.94
N ASP A 630 -0.15 -24.29 -25.31
CA ASP A 630 0.43 -25.59 -25.68
C ASP A 630 0.19 -25.92 -27.14
N LYS A 631 -1.03 -25.67 -27.62
CA LYS A 631 -1.40 -26.02 -28.98
C LYS A 631 -0.74 -25.06 -29.98
N ILE A 632 -0.48 -23.83 -29.55
CA ILE A 632 0.20 -22.85 -30.39
C ILE A 632 1.62 -23.34 -30.64
N ILE A 633 2.31 -23.74 -29.57
CA ILE A 633 3.65 -24.29 -29.66
C ILE A 633 3.67 -25.61 -30.44
N ASP A 634 2.71 -26.49 -30.18
CA ASP A 634 2.66 -27.79 -30.87
C ASP A 634 2.40 -27.66 -32.36
N LYS A 635 1.57 -26.69 -32.75
CA LYS A 635 1.34 -26.40 -34.16
C LYS A 635 2.64 -26.31 -34.96
N VAL A 636 3.62 -25.55 -34.45
CA VAL A 636 4.90 -25.45 -35.14
C VAL A 636 5.86 -26.57 -34.73
N GLY A 637 5.67 -27.09 -33.52
CA GLY A 637 6.50 -28.16 -33.00
C GLY A 637 7.67 -27.59 -32.22
N GLU A 638 7.87 -28.09 -31.01
CA GLU A 638 8.96 -27.63 -30.13
C GLU A 638 10.34 -27.68 -30.78
N SER A 639 10.55 -28.69 -31.63
CA SER A 639 11.83 -28.91 -32.30
C SER A 639 12.35 -27.71 -33.08
N LYS A 640 11.43 -26.88 -33.57
CA LYS A 640 11.81 -25.74 -34.40
C LYS A 640 12.45 -24.59 -33.61
N PHE A 641 12.40 -24.67 -32.28
CA PHE A 641 12.95 -23.60 -31.45
C PHE A 641 14.38 -23.91 -31.03
N ARG A 642 15.21 -22.87 -31.08
CA ARG A 642 16.64 -22.97 -30.87
C ARG A 642 16.95 -22.86 -29.39
N ASP A 643 16.20 -22.03 -28.68
CA ASP A 643 16.38 -21.85 -27.24
C ASP A 643 15.09 -21.28 -26.63
N THR A 644 15.06 -21.17 -25.32
CA THR A 644 13.89 -20.61 -24.63
C THR A 644 13.47 -19.29 -25.24
N ASN A 645 14.42 -18.37 -25.37
CA ASN A 645 14.12 -17.02 -25.87
C ASN A 645 13.49 -17.01 -27.28
N HIS A 646 13.75 -18.04 -28.08
CA HIS A 646 13.15 -18.16 -29.41
C HIS A 646 11.64 -18.41 -29.33
N TRP A 647 11.18 -19.34 -28.49
CA TRP A 647 9.74 -19.56 -28.38
C TRP A 647 9.04 -18.41 -27.64
N VAL A 648 9.76 -17.77 -26.72
CA VAL A 648 9.24 -16.58 -26.05
C VAL A 648 8.98 -15.48 -27.07
N ASP A 649 9.97 -15.19 -27.92
CA ASP A 649 9.81 -14.26 -29.04
C ASP A 649 8.60 -14.63 -29.91
N PHE A 650 8.46 -15.93 -30.18
CA PHE A 650 7.39 -16.42 -31.04
C PHE A 650 6.00 -16.10 -30.46
N LEU A 651 5.78 -16.44 -29.20
CA LEU A 651 4.50 -16.18 -28.54
C LEU A 651 4.26 -14.67 -28.32
N ASP A 652 5.33 -13.94 -28.02
CA ASP A 652 5.25 -12.50 -27.88
C ASP A 652 4.68 -11.90 -29.17
N LYS A 653 5.28 -12.28 -30.30
CA LYS A 653 4.85 -11.82 -31.61
C LYS A 653 3.42 -12.29 -31.92
N PHE A 654 3.16 -13.57 -31.68
CA PHE A 654 1.82 -14.14 -31.84
C PHE A 654 0.76 -13.36 -31.06
N ALA A 655 1.07 -13.02 -29.81
CA ALA A 655 0.16 -12.27 -28.97
C ALA A 655 -0.09 -10.90 -29.57
N ARG A 656 0.99 -10.20 -29.92
CA ARG A 656 0.90 -8.82 -30.36
C ARG A 656 0.27 -8.68 -31.75
N GLU A 657 0.66 -9.57 -32.66
CA GLU A 657 0.30 -9.43 -34.07
C GLU A 657 -0.98 -10.14 -34.44
N ARG A 658 -1.36 -11.18 -33.68
CA ARG A 658 -2.53 -11.99 -34.01
C ARG A 658 -3.64 -11.91 -32.96
N MET A 659 -3.30 -12.16 -31.70
CA MET A 659 -4.33 -12.27 -30.67
C MET A 659 -4.89 -10.92 -30.26
N GLU A 660 -4.00 -9.95 -30.02
CA GLU A 660 -4.45 -8.63 -29.61
C GLU A 660 -5.40 -7.99 -30.63
N PRO A 661 -5.08 -8.06 -31.93
CA PRO A 661 -6.06 -7.55 -32.92
C PRO A 661 -7.41 -8.30 -32.92
N ALA A 662 -7.37 -9.61 -32.71
CA ALA A 662 -8.60 -10.38 -32.53
C ALA A 662 -9.35 -9.96 -31.26
N ILE A 663 -8.63 -9.77 -30.17
CA ILE A 663 -9.23 -9.31 -28.91
C ILE A 663 -9.87 -7.94 -29.13
N ASP A 664 -9.13 -7.03 -29.76
CA ASP A 664 -9.65 -5.69 -30.07
C ASP A 664 -10.92 -5.74 -30.91
N ARG A 665 -10.92 -6.53 -31.97
CA ARG A 665 -12.14 -6.70 -32.80
C ARG A 665 -13.31 -7.21 -31.97
N GLY A 666 -13.05 -8.18 -31.09
CA GLY A 666 -14.06 -8.72 -30.20
C GLY A 666 -14.68 -7.65 -29.31
N PHE A 667 -13.85 -6.80 -28.72
CA PHE A 667 -14.35 -5.76 -27.83
C PHE A 667 -15.01 -4.61 -28.56
N ARG A 668 -14.57 -4.29 -29.77
CA ARG A 668 -15.27 -3.25 -30.57
C ARG A 668 -16.71 -3.69 -30.87
N GLU A 669 -16.90 -4.99 -31.10
CA GLU A 669 -18.22 -5.55 -31.32
C GLU A 669 -19.08 -5.42 -30.05
N MET A 670 -18.46 -5.64 -28.89
CA MET A 670 -19.17 -5.55 -27.63
C MET A 670 -19.57 -4.11 -27.35
N CYS A 671 -18.67 -3.19 -27.69
CA CYS A 671 -18.92 -1.76 -27.53
C CYS A 671 -20.13 -1.32 -28.35
N GLU A 672 -20.22 -1.80 -29.59
CA GLU A 672 -21.37 -1.50 -30.47
C GLU A 672 -22.66 -2.15 -29.95
N TYR A 673 -22.55 -3.38 -29.44
CA TYR A 673 -23.67 -4.08 -28.83
C TYR A 673 -24.27 -3.28 -27.67
N MET A 674 -23.41 -2.70 -26.82
CA MET A 674 -23.87 -1.86 -25.71
C MET A 674 -24.00 -0.38 -26.11
N ASN A 675 -23.74 -0.07 -27.38
CA ASN A 675 -23.83 1.30 -27.89
C ASN A 675 -23.06 2.30 -27.03
N ASN A 676 -21.86 1.90 -26.63
CA ASN A 676 -21.09 2.69 -25.66
C ASN A 676 -20.51 3.95 -26.26
N LYS A 677 -20.15 4.89 -25.39
CA LYS A 677 -19.69 6.21 -25.82
C LYS A 677 -18.33 6.12 -26.51
N GLN A 678 -17.45 5.27 -25.99
CA GLN A 678 -16.08 5.20 -26.50
C GLN A 678 -15.44 3.85 -26.17
N HIS A 679 -14.87 3.20 -27.18
CA HIS A 679 -14.18 1.92 -27.00
C HIS A 679 -12.89 2.12 -26.20
N LEU A 680 -12.86 1.60 -24.98
CA LEU A 680 -11.69 1.74 -24.12
C LEU A 680 -11.27 0.42 -23.46
N MET A 681 -11.80 -0.70 -23.95
CA MET A 681 -11.40 -2.01 -23.44
C MET A 681 -10.13 -2.45 -24.17
N PHE A 682 -8.98 -2.25 -23.53
CA PHE A 682 -7.68 -2.53 -24.12
C PHE A 682 -7.04 -3.65 -23.29
N MET A 683 -7.07 -4.86 -23.84
CA MET A 683 -6.60 -6.04 -23.15
C MET A 683 -5.26 -6.44 -23.71
N ASP A 684 -4.20 -5.98 -23.06
CA ASP A 684 -2.83 -6.24 -23.49
C ASP A 684 -2.24 -7.46 -22.80
N ARG A 685 -1.32 -8.11 -23.51
CA ARG A 685 -0.61 -9.27 -22.99
C ARG A 685 0.15 -8.90 -21.71
N GLU A 686 -0.05 -9.69 -20.67
CA GLU A 686 0.71 -9.52 -19.42
C GLU A 686 1.95 -10.43 -19.46
N ALA A 687 1.76 -11.73 -19.20
CA ALA A 687 2.87 -12.67 -19.02
C ALA A 687 3.00 -13.68 -20.15
N ILE A 688 4.25 -14.05 -20.44
CA ILE A 688 4.57 -15.24 -21.24
C ILE A 688 5.30 -16.22 -20.33
N ALA A 689 4.72 -17.40 -20.16
CA ALA A 689 5.21 -18.38 -19.18
C ALA A 689 5.41 -19.76 -19.77
N GLY A 690 6.44 -20.45 -19.26
CA GLY A 690 6.70 -21.80 -19.66
C GLY A 690 7.95 -22.30 -19.01
N PRO A 691 8.23 -23.61 -19.14
CA PRO A 691 9.50 -24.14 -18.65
C PRO A 691 10.63 -23.79 -19.61
N PRO A 692 11.89 -23.77 -19.10
CA PRO A 692 13.04 -23.66 -20.00
C PRO A 692 13.02 -24.78 -21.05
N LEU A 693 13.39 -24.43 -22.29
CA LEU A 693 13.39 -25.38 -23.38
C LEU A 693 14.33 -26.52 -23.01
N GLY A 694 13.88 -27.76 -23.19
CA GLY A 694 14.70 -28.92 -22.89
C GLY A 694 14.69 -29.39 -21.45
N SER A 695 14.03 -28.64 -20.56
CA SER A 695 13.92 -29.03 -19.14
C SER A 695 12.73 -29.96 -18.90
N LYS A 696 12.68 -30.54 -17.71
CA LYS A 696 11.49 -31.26 -17.25
C LYS A 696 10.59 -30.39 -16.37
N GLY A 697 10.82 -29.07 -16.36
CA GLY A 697 9.98 -28.15 -15.59
C GLY A 697 8.57 -28.15 -16.12
N ILE A 698 7.59 -27.93 -15.25
CA ILE A 698 6.18 -28.00 -15.65
C ILE A 698 5.61 -26.65 -16.11
N GLY A 699 6.37 -25.58 -15.99
CA GLY A 699 5.94 -24.27 -16.48
C GLY A 699 5.03 -23.50 -15.53
N GLY A 700 3.91 -24.09 -15.16
CA GLY A 700 2.99 -23.45 -14.21
C GLY A 700 1.96 -24.41 -13.66
N PHE A 701 1.20 -23.96 -12.66
CA PHE A 701 0.07 -24.73 -12.14
C PHE A 701 -0.94 -23.84 -11.43
N TRP A 702 -2.18 -24.32 -11.41
CA TRP A 702 -3.29 -23.75 -10.65
C TRP A 702 -3.77 -24.79 -9.63
N THR A 703 -4.06 -24.35 -8.41
CA THR A 703 -4.72 -25.23 -7.43
C THR A 703 -6.20 -24.90 -7.32
N GLY A 704 -6.58 -23.67 -7.67
CA GLY A 704 -7.96 -23.21 -7.54
C GLY A 704 -8.06 -21.74 -7.88
N LYS A 705 -9.22 -21.13 -7.64
CA LYS A 705 -9.34 -19.68 -7.87
C LYS A 705 -8.31 -18.95 -6.99
N LYS A 706 -7.67 -17.94 -7.56
CA LYS A 706 -6.76 -17.03 -6.86
C LYS A 706 -5.54 -17.74 -6.27
N ARG A 707 -5.16 -18.87 -6.85
CA ARG A 707 -4.06 -19.68 -6.36
C ARG A 707 -3.30 -20.32 -7.52
N TYR A 708 -2.17 -19.76 -7.90
CA TYR A 708 -1.40 -20.27 -9.05
C TYR A 708 0.03 -19.79 -9.07
N ALA A 709 0.84 -20.45 -9.90
CA ALA A 709 2.24 -20.13 -10.05
C ALA A 709 2.64 -20.27 -11.51
N LEU A 710 3.45 -19.32 -11.99
CA LEU A 710 3.90 -19.30 -13.38
C LEU A 710 5.38 -18.95 -13.47
N ASN A 711 6.08 -19.63 -14.38
CA ASN A 711 7.46 -19.30 -14.67
C ASN A 711 7.52 -18.31 -15.83
N VAL A 712 7.74 -17.04 -15.51
CA VAL A 712 7.58 -15.95 -16.48
C VAL A 712 8.89 -15.46 -17.07
N TRP A 713 8.89 -15.33 -18.39
CA TRP A 713 10.06 -14.87 -19.16
C TRP A 713 9.90 -13.42 -19.60
N ASP A 714 8.66 -13.01 -19.86
CA ASP A 714 8.38 -11.65 -20.30
C ASP A 714 7.12 -11.17 -19.60
N MET A 715 7.20 -10.01 -18.98
CA MET A 715 6.07 -9.40 -18.27
C MET A 715 5.84 -7.97 -18.75
N GLU A 716 4.70 -7.76 -19.43
CA GLU A 716 4.30 -6.47 -19.97
C GLU A 716 5.40 -5.80 -20.80
N GLY A 717 6.14 -6.60 -21.56
CA GLY A 717 7.18 -6.08 -22.43
C GLY A 717 8.56 -6.04 -21.81
N THR A 718 8.68 -6.44 -20.55
CA THR A 718 9.99 -6.57 -19.92
C THR A 718 10.50 -8.00 -20.13
N ARG A 719 11.53 -8.15 -20.94
CA ARG A 719 12.15 -9.46 -21.18
C ARG A 719 13.22 -9.64 -20.12
N TYR A 720 13.02 -10.63 -19.25
CA TYR A 720 13.90 -10.80 -18.11
C TYR A 720 15.23 -11.44 -18.48
N ALA A 721 16.29 -10.99 -17.82
CA ALA A 721 17.59 -11.67 -17.90
C ALA A 721 17.47 -13.08 -17.32
N GLU A 722 16.77 -13.21 -16.21
CA GLU A 722 16.49 -14.51 -15.60
C GLU A 722 15.00 -14.68 -15.38
N PRO A 723 14.46 -15.89 -15.64
CA PRO A 723 13.03 -16.10 -15.48
C PRO A 723 12.58 -15.74 -14.06
N LYS A 724 11.38 -15.21 -13.93
CA LYS A 724 10.87 -14.74 -12.64
C LYS A 724 9.55 -15.44 -12.32
N LEU A 725 9.39 -15.90 -11.09
CA LEU A 725 8.15 -16.59 -10.71
C LEU A 725 7.02 -15.60 -10.46
N LYS A 726 5.87 -15.83 -11.07
CA LYS A 726 4.69 -15.08 -10.72
C LYS A 726 3.82 -16.02 -9.91
N ILE A 727 3.74 -15.78 -8.61
CA ILE A 727 2.97 -16.63 -7.70
C ILE A 727 1.90 -15.80 -7.05
N MET A 728 0.65 -16.20 -7.21
CA MET A 728 -0.46 -15.48 -6.62
C MET A 728 -1.20 -16.39 -5.66
N GLY A 729 -1.47 -15.86 -4.47
CA GLY A 729 -2.35 -16.51 -3.49
C GLY A 729 -1.72 -17.62 -2.67
N LEU A 730 -0.74 -18.31 -3.24
CA LEU A 730 -0.10 -19.41 -2.52
C LEU A 730 0.61 -18.90 -1.27
N GLU A 731 0.96 -19.83 -0.39
CA GLU A 731 1.48 -19.51 0.95
C GLU A 731 2.80 -18.73 0.96
N THR A 732 3.55 -18.81 -0.14
CA THR A 732 4.76 -18.01 -0.30
C THR A 732 4.43 -16.52 -0.28
N GLN A 733 3.19 -16.17 -0.65
CA GLN A 733 2.75 -14.76 -0.73
C GLN A 733 2.03 -14.25 0.52
N LYS A 734 1.89 -15.11 1.53
CA LYS A 734 1.11 -14.74 2.71
C LYS A 734 2.04 -14.43 3.88
N SER A 735 1.80 -13.27 4.50
CA SER A 735 2.62 -12.81 5.61
C SER A 735 2.48 -13.66 6.87
N SER A 736 1.43 -14.47 6.93
CA SER A 736 1.26 -15.41 8.04
C SER A 736 2.20 -16.61 7.94
N THR A 737 2.72 -16.91 6.75
CA THR A 737 3.61 -18.06 6.57
C THR A 737 4.99 -17.72 7.12
N PRO A 738 5.63 -18.64 7.86
CA PRO A 738 6.95 -18.29 8.40
C PRO A 738 7.96 -17.94 7.29
N LYS A 739 8.89 -17.04 7.58
CA LYS A 739 9.86 -16.54 6.60
C LYS A 739 10.63 -17.65 5.89
N ALA A 740 11.20 -18.55 6.67
CA ALA A 740 12.04 -19.62 6.11
C ALA A 740 11.18 -20.61 5.33
N VAL A 741 9.91 -20.72 5.69
CA VAL A 741 8.98 -21.58 4.96
C VAL A 741 8.54 -20.94 3.63
N GLN A 742 8.32 -19.63 3.62
CA GLN A 742 8.05 -18.93 2.35
C GLN A 742 9.18 -19.22 1.37
N LYS A 743 10.40 -19.09 1.87
CA LYS A 743 11.61 -19.25 1.09
C LYS A 743 11.71 -20.68 0.57
N ALA A 744 11.48 -21.67 1.44
CA ALA A 744 11.60 -23.07 1.06
C ALA A 744 10.50 -23.49 0.08
N LEU A 745 9.27 -23.03 0.33
CA LEU A 745 8.15 -23.29 -0.60
C LEU A 745 8.38 -22.62 -1.97
N LYS A 746 8.94 -21.42 -1.96
CA LYS A 746 9.26 -20.76 -3.22
C LYS A 746 10.26 -21.57 -4.03
N GLU A 747 11.28 -22.13 -3.36
CA GLU A 747 12.26 -22.96 -4.04
C GLU A 747 11.66 -24.28 -4.52
N CYS A 748 10.71 -24.83 -3.77
CA CYS A 748 9.95 -26.01 -4.24
C CYS A 748 9.22 -25.67 -5.53
N ILE A 749 8.56 -24.51 -5.54
CA ILE A 749 7.85 -24.07 -6.75
C ILE A 749 8.82 -23.86 -7.90
N ARG A 750 9.92 -23.14 -7.65
CA ARG A 750 10.92 -22.88 -8.68
C ARG A 750 11.39 -24.18 -9.34
N ARG A 751 11.73 -25.16 -8.51
CA ARG A 751 12.14 -26.46 -9.00
C ARG A 751 11.05 -27.18 -9.79
N MET A 752 9.83 -27.18 -9.28
CA MET A 752 8.68 -27.74 -10.02
C MET A 752 8.57 -27.13 -11.42
N LEU A 753 8.53 -25.80 -11.48
CA LEU A 753 8.28 -25.09 -12.75
C LEU A 753 9.44 -25.08 -13.73
N GLN A 754 10.67 -25.11 -13.22
CA GLN A 754 11.87 -24.95 -14.05
C GLN A 754 12.65 -26.26 -14.28
N GLU A 755 12.56 -27.19 -13.32
CA GLU A 755 13.47 -28.35 -13.32
C GLU A 755 12.77 -29.71 -13.30
N GLY A 756 11.63 -29.82 -12.63
CA GLY A 756 10.87 -31.08 -12.63
C GLY A 756 10.76 -31.77 -11.28
N GLU A 757 10.02 -32.89 -11.27
CA GLU A 757 9.66 -33.63 -10.05
C GLU A 757 10.88 -34.10 -9.25
N GLU A 758 11.90 -34.59 -9.94
CA GLU A 758 13.06 -35.15 -9.28
C GLU A 758 13.85 -34.06 -8.55
N SER A 759 14.02 -32.90 -9.17
CA SER A 759 14.65 -31.77 -8.48
C SER A 759 13.90 -31.39 -7.20
N LEU A 760 12.58 -31.41 -7.27
CA LEU A 760 11.72 -31.08 -6.13
C LEU A 760 11.95 -32.05 -4.97
N GLN A 761 11.96 -33.35 -5.29
CA GLN A 761 12.16 -34.42 -4.32
C GLN A 761 13.50 -34.29 -3.63
N GLU A 762 14.53 -33.96 -4.41
CA GLU A 762 15.87 -33.73 -3.86
C GLU A 762 15.86 -32.60 -2.84
N TYR A 763 15.22 -31.48 -3.18
CA TYR A 763 15.21 -30.34 -2.28
C TYR A 763 14.40 -30.65 -1.03
N PHE A 764 13.25 -31.28 -1.23
CA PHE A 764 12.34 -31.58 -0.12
C PHE A 764 13.06 -32.40 0.93
N LYS A 765 13.76 -33.43 0.47
CA LYS A 765 14.50 -34.31 1.36
C LYS A 765 15.51 -33.52 2.21
N GLU A 766 16.21 -32.57 1.59
CA GLU A 766 17.22 -31.78 2.31
C GLU A 766 16.58 -30.87 3.34
N PHE A 767 15.54 -30.15 2.93
CA PHE A 767 14.87 -29.20 3.81
C PHE A 767 14.31 -29.92 5.03
N GLU A 768 13.66 -31.07 4.82
CA GLU A 768 13.11 -31.86 5.92
C GLU A 768 14.21 -32.25 6.92
N LYS A 769 15.39 -32.61 6.40
CA LYS A 769 16.51 -33.02 7.24
C LYS A 769 17.14 -31.85 8.01
N GLU A 770 17.09 -30.64 7.47
CA GLU A 770 17.81 -29.51 8.09
C GLU A 770 16.91 -28.49 8.80
N PHE A 771 15.59 -28.59 8.62
CA PHE A 771 14.74 -27.50 9.08
C PHE A 771 14.72 -27.35 10.62
N ARG A 772 15.01 -28.43 11.34
CA ARG A 772 15.09 -28.35 12.81
C ARG A 772 16.21 -27.42 13.30
N GLN A 773 17.15 -27.09 12.42
CA GLN A 773 18.27 -26.22 12.75
C GLN A 773 18.00 -24.74 12.43
N LEU A 774 16.83 -24.42 11.90
CA LEU A 774 16.52 -23.03 11.54
C LEU A 774 16.18 -22.20 12.77
N ASN A 775 16.50 -20.92 12.71
CA ASN A 775 16.18 -19.99 13.79
C ASN A 775 14.68 -19.99 14.07
N TYR A 776 14.31 -19.97 15.34
CA TYR A 776 12.91 -20.12 15.75
C TYR A 776 11.99 -19.04 15.17
N ILE A 777 12.49 -17.81 15.07
CA ILE A 777 11.71 -16.71 14.50
C ILE A 777 11.44 -16.94 13.02
N SER A 778 12.43 -17.48 12.31
CA SER A 778 12.30 -17.75 10.87
C SER A 778 11.28 -18.84 10.57
N ILE A 779 10.95 -19.66 11.56
CA ILE A 779 9.95 -20.73 11.39
C ILE A 779 8.65 -20.50 12.18
N ALA A 780 8.55 -19.37 12.88
CA ALA A 780 7.30 -19.00 13.57
C ALA A 780 6.23 -18.50 12.59
N SER A 781 4.97 -18.88 12.81
CA SER A 781 3.87 -18.35 12.01
C SER A 781 3.57 -16.95 12.50
N VAL A 782 2.76 -16.21 11.74
CA VAL A 782 2.41 -14.83 12.11
C VAL A 782 0.91 -14.63 11.97
N SER A 783 0.34 -13.86 12.88
CA SER A 783 -1.06 -13.48 12.75
C SER A 783 -1.35 -12.15 13.45
N SER A 784 -2.24 -11.37 12.86
CA SER A 784 -2.89 -10.27 13.55
C SER A 784 -3.68 -10.85 14.72
N ALA A 785 -3.75 -10.11 15.81
CA ALA A 785 -4.46 -10.56 17.01
C ALA A 785 -5.54 -9.57 17.42
N ASN A 786 -6.76 -9.84 16.99
CA ASN A 786 -7.93 -9.06 17.36
C ASN A 786 -8.79 -9.74 18.42
N ASN A 787 -9.49 -8.93 19.21
CA ASN A 787 -10.44 -9.39 20.26
C ASN A 787 -9.84 -10.35 21.27
N ILE A 788 -8.64 -10.02 21.73
CA ILE A 788 -7.95 -10.85 22.71
C ILE A 788 -8.83 -10.98 23.96
N ALA A 789 -9.31 -9.84 24.47
CA ALA A 789 -10.12 -9.82 25.70
C ALA A 789 -11.37 -10.69 25.59
N LYS A 790 -12.04 -10.66 24.43
CA LYS A 790 -13.22 -11.46 24.19
C LYS A 790 -13.03 -12.94 24.54
N TYR A 791 -11.85 -13.46 24.22
CA TYR A 791 -11.54 -14.87 24.42
C TYR A 791 -10.77 -15.17 25.71
N ASP A 792 -10.61 -14.14 26.54
CA ASP A 792 -9.82 -14.21 27.77
C ASP A 792 -10.75 -14.46 28.98
N VAL A 793 -10.80 -15.71 29.41
CA VAL A 793 -11.61 -16.12 30.57
C VAL A 793 -10.68 -16.50 31.71
N GLY A 794 -10.39 -15.54 32.59
CA GLY A 794 -9.48 -15.75 33.72
C GLY A 794 -8.05 -16.03 33.30
N GLY A 795 -7.62 -15.43 32.18
CA GLY A 795 -6.31 -15.73 31.61
C GLY A 795 -6.23 -17.05 30.85
N PHE A 796 -7.37 -17.68 30.62
CA PHE A 796 -7.45 -18.95 29.89
C PHE A 796 -8.40 -18.83 28.71
N PRO A 797 -8.27 -19.72 27.71
CA PRO A 797 -9.08 -19.56 26.49
C PRO A 797 -10.57 -19.82 26.69
N GLY A 798 -11.39 -18.84 26.32
CA GLY A 798 -12.84 -19.03 26.25
C GLY A 798 -13.22 -19.86 25.03
N PRO A 799 -14.52 -20.18 24.89
CA PRO A 799 -14.97 -21.01 23.76
C PRO A 799 -14.69 -20.40 22.38
N LYS A 800 -14.35 -21.27 21.42
CA LYS A 800 -14.01 -20.86 20.06
C LYS A 800 -12.77 -19.96 19.98
N CYS A 801 -11.90 -20.03 20.99
CA CYS A 801 -10.68 -19.23 21.01
C CYS A 801 -9.79 -19.60 19.81
N PRO A 802 -9.48 -18.61 18.94
CA PRO A 802 -8.56 -18.88 17.84
C PRO A 802 -7.16 -19.27 18.34
N PHE A 803 -6.46 -20.05 17.53
CA PHE A 803 -5.16 -20.62 17.90
C PHE A 803 -4.16 -19.54 18.30
N HIS A 804 -4.04 -18.50 17.49
CA HIS A 804 -3.11 -17.42 17.79
C HIS A 804 -3.46 -16.68 19.08
N ILE A 805 -4.76 -16.51 19.36
CA ILE A 805 -5.21 -15.87 20.60
C ILE A 805 -4.89 -16.75 21.79
N ARG A 806 -5.08 -18.07 21.65
CA ARG A 806 -4.68 -19.03 22.66
C ARG A 806 -3.22 -18.83 23.03
N GLY A 807 -2.37 -18.63 22.02
CA GLY A 807 -0.94 -18.42 22.24
C GLY A 807 -0.60 -17.17 23.01
N ILE A 808 -1.32 -16.09 22.74
CA ILE A 808 -1.17 -14.85 23.49
C ILE A 808 -1.54 -15.03 24.96
N LEU A 809 -2.60 -15.79 25.23
CA LEU A 809 -3.02 -16.04 26.62
C LEU A 809 -1.97 -16.87 27.35
N THR A 810 -1.39 -17.83 26.65
CA THR A 810 -0.30 -18.62 27.20
C THR A 810 0.88 -17.72 27.55
N TYR A 811 1.21 -16.82 26.63
CA TYR A 811 2.28 -15.86 26.86
C TYR A 811 2.01 -14.96 28.07
N ASN A 812 0.79 -14.43 28.18
CA ASN A 812 0.43 -13.54 29.29
C ASN A 812 0.54 -14.23 30.65
N ARG A 813 0.08 -15.48 30.75
CA ARG A 813 0.23 -16.26 31.98
C ARG A 813 1.70 -16.45 32.31
N ALA A 814 2.51 -16.73 31.29
CA ALA A 814 3.93 -16.99 31.49
C ALA A 814 4.72 -15.76 31.95
N ILE A 815 4.32 -14.56 31.53
CA ILE A 815 5.03 -13.35 31.90
C ILE A 815 4.42 -12.62 33.08
N LYS A 816 3.35 -13.17 33.66
CA LYS A 816 2.61 -12.47 34.70
C LYS A 816 3.54 -12.09 35.85
N GLY A 817 3.53 -10.80 36.22
CA GLY A 817 4.42 -10.29 37.27
C GLY A 817 5.52 -9.42 36.68
N ASN A 818 6.21 -9.95 35.66
CA ASN A 818 7.23 -9.19 34.93
C ASN A 818 6.72 -7.84 34.44
N ILE A 819 7.29 -6.76 34.97
CA ILE A 819 6.96 -5.41 34.49
C ILE A 819 7.86 -4.99 33.32
N ASP A 820 8.77 -5.88 32.91
CA ASP A 820 9.67 -5.61 31.78
C ASP A 820 9.34 -6.46 30.55
N ALA A 821 8.55 -7.51 30.70
CA ALA A 821 8.15 -8.33 29.56
C ALA A 821 7.23 -7.51 28.64
N PRO A 822 7.53 -7.47 27.33
CA PRO A 822 6.68 -6.74 26.40
C PRO A 822 5.25 -7.27 26.34
N GLN A 823 4.28 -6.38 26.37
CA GLN A 823 2.88 -6.77 26.31
C GLN A 823 2.45 -6.90 24.86
N VAL A 824 1.53 -7.83 24.61
CA VAL A 824 0.89 -7.94 23.32
C VAL A 824 -0.16 -6.83 23.20
N VAL A 825 -0.04 -6.01 22.17
CA VAL A 825 -1.00 -4.94 21.91
C VAL A 825 -2.13 -5.45 21.01
N GLU A 826 -3.35 -5.13 21.41
CA GLU A 826 -4.56 -5.49 20.66
C GLU A 826 -4.43 -5.05 19.21
N GLY A 827 -4.75 -5.95 18.28
CA GLY A 827 -4.77 -5.63 16.85
C GLY A 827 -3.43 -5.65 16.13
N GLU A 828 -2.33 -5.76 16.87
CA GLU A 828 -1.01 -5.85 16.25
C GLU A 828 -0.67 -7.30 15.96
N LYS A 829 0.50 -7.54 15.39
CA LYS A 829 0.84 -8.89 14.95
C LYS A 829 1.75 -9.63 15.93
N VAL A 830 1.56 -10.94 15.99
CA VAL A 830 2.35 -11.81 16.85
C VAL A 830 2.96 -12.96 16.07
N TYR A 831 4.15 -13.37 16.48
CA TYR A 831 4.71 -14.66 16.11
C TYR A 831 3.99 -15.74 16.90
N VAL A 832 3.85 -16.92 16.31
CA VAL A 832 3.13 -18.03 16.93
C VAL A 832 3.91 -19.33 16.74
N LEU A 833 4.13 -20.08 17.82
CA LEU A 833 4.78 -21.39 17.76
C LEU A 833 3.97 -22.45 18.47
N PRO A 834 3.84 -23.65 17.86
CA PRO A 834 3.20 -24.75 18.57
C PRO A 834 4.14 -25.36 19.61
N LEU A 835 3.56 -25.99 20.63
CA LEU A 835 4.32 -26.52 21.77
C LEU A 835 4.00 -27.99 21.98
N ARG A 836 5.01 -28.78 22.29
CA ARG A 836 4.81 -30.22 22.54
C ARG A 836 4.01 -30.44 23.82
N GLU A 837 3.30 -31.56 23.87
CA GLU A 837 2.46 -31.90 25.01
C GLU A 837 3.30 -32.01 26.28
N GLY A 838 2.72 -31.60 27.42
CA GLY A 838 3.41 -31.65 28.71
C GLY A 838 4.42 -30.55 28.98
N ASN A 839 4.39 -29.49 28.17
CA ASN A 839 5.26 -28.33 28.36
C ASN A 839 4.82 -27.54 29.59
N PRO A 840 5.73 -26.74 30.18
CA PRO A 840 5.42 -25.99 31.41
C PRO A 840 4.54 -24.76 31.20
N PHE A 841 4.25 -24.38 29.95
CA PHE A 841 3.32 -23.27 29.69
C PHE A 841 1.87 -23.73 29.83
N GLY A 842 1.65 -25.04 29.76
CA GLY A 842 0.34 -25.63 30.01
C GLY A 842 -0.64 -25.46 28.85
N ASP A 843 -0.13 -25.40 27.62
CA ASP A 843 -0.98 -25.29 26.45
C ASP A 843 -0.23 -25.57 25.15
N LYS A 844 -0.98 -25.71 24.07
CA LYS A 844 -0.46 -26.24 22.80
C LYS A 844 0.21 -25.20 21.90
N CYS A 845 0.23 -23.94 22.31
CA CYS A 845 0.98 -22.93 21.56
C CYS A 845 1.29 -21.71 22.40
N ILE A 846 2.19 -20.89 21.87
CA ILE A 846 2.54 -19.61 22.49
C ILE A 846 2.73 -18.59 21.37
N ALA A 847 2.52 -17.32 21.71
CA ALA A 847 2.64 -16.22 20.77
C ALA A 847 3.20 -14.97 21.46
N TRP A 848 4.03 -14.21 20.74
CA TRP A 848 4.62 -12.99 21.29
C TRP A 848 4.67 -11.95 20.19
N PRO A 849 4.90 -10.66 20.55
CA PRO A 849 4.86 -9.59 19.54
C PRO A 849 5.86 -9.81 18.40
N SER A 850 5.36 -9.68 17.16
CA SER A 850 6.16 -9.95 15.98
C SER A 850 7.27 -8.92 15.82
N GLY A 851 8.28 -9.27 15.03
CA GLY A 851 9.47 -8.45 14.89
C GLY A 851 10.33 -8.33 16.15
N THR A 852 10.06 -9.14 17.17
CA THR A 852 10.87 -9.11 18.40
C THR A 852 11.34 -10.52 18.79
N GLU A 853 12.45 -10.57 19.52
CA GLU A 853 12.88 -11.77 20.21
C GLU A 853 11.93 -11.96 21.39
N ILE A 854 11.57 -13.20 21.70
CA ILE A 854 10.73 -13.46 22.84
C ILE A 854 11.54 -13.21 24.11
N THR A 855 10.88 -12.65 25.13
CA THR A 855 11.56 -12.24 26.36
C THR A 855 12.44 -13.36 26.96
N ASP A 856 13.63 -12.99 27.40
CA ASP A 856 14.67 -13.98 27.76
C ASP A 856 14.29 -14.98 28.83
N LEU A 857 13.35 -14.62 29.71
CA LEU A 857 12.96 -15.51 30.80
C LEU A 857 12.21 -16.74 30.35
N ILE A 858 11.47 -16.65 29.24
CA ILE A 858 10.74 -17.81 28.73
C ILE A 858 11.29 -18.36 27.40
N LYS A 859 12.26 -17.65 26.83
CA LYS A 859 12.85 -18.02 25.53
C LYS A 859 13.42 -19.44 25.56
N ASP A 860 14.19 -19.76 26.59
CA ASP A 860 14.78 -21.09 26.76
C ASP A 860 13.73 -22.21 26.68
N ASP A 861 12.60 -22.02 27.36
CA ASP A 861 11.55 -23.04 27.41
C ASP A 861 10.84 -23.17 26.07
N VAL A 862 10.56 -22.02 25.45
CA VAL A 862 10.01 -22.04 24.09
C VAL A 862 10.90 -22.90 23.19
N LEU A 863 12.19 -22.58 23.14
CA LEU A 863 13.13 -23.32 22.28
C LEU A 863 13.14 -24.81 22.60
N HIS A 864 13.11 -25.14 23.88
CA HIS A 864 13.12 -26.54 24.31
C HIS A 864 11.82 -27.28 23.97
N TRP A 865 10.69 -26.56 23.96
CA TRP A 865 9.38 -27.20 23.82
C TRP A 865 8.69 -27.00 22.47
N MET A 866 9.26 -26.16 21.60
CA MET A 866 8.80 -26.01 20.23
C MET A 866 8.44 -27.36 19.61
N ASP A 867 7.23 -27.47 19.06
CA ASP A 867 6.88 -28.68 18.33
C ASP A 867 7.24 -28.54 16.84
N TYR A 868 8.46 -28.96 16.51
CA TYR A 868 8.93 -28.95 15.13
C TYR A 868 8.08 -29.80 14.18
N THR A 869 7.61 -30.95 14.63
CA THR A 869 6.84 -31.85 13.77
C THR A 869 5.54 -31.20 13.29
N VAL A 870 4.79 -30.62 14.23
CA VAL A 870 3.55 -29.91 13.92
C VAL A 870 3.81 -28.70 13.01
N LEU A 871 4.90 -28.01 13.31
CA LEU A 871 5.28 -26.82 12.58
C LEU A 871 5.55 -27.13 11.11
N LEU A 872 6.36 -28.17 10.88
CA LEU A 872 6.69 -28.63 9.53
C LEU A 872 5.43 -29.09 8.83
N GLU A 873 4.65 -29.94 9.51
CA GLU A 873 3.41 -30.46 8.97
C GLU A 873 2.47 -29.35 8.52
N LYS A 874 2.20 -28.39 9.40
CA LYS A 874 1.19 -27.38 9.12
C LYS A 874 1.62 -26.28 8.16
N THR A 875 2.86 -25.80 8.28
CA THR A 875 3.28 -24.64 7.51
C THR A 875 3.91 -25.00 6.17
N PHE A 876 4.49 -26.19 6.08
CA PHE A 876 5.29 -26.57 4.91
C PHE A 876 4.73 -27.73 4.11
N ILE A 877 4.58 -28.89 4.76
CA ILE A 877 4.12 -30.09 4.06
C ILE A 877 2.72 -29.92 3.50
N LYS A 878 1.82 -29.35 4.29
CA LYS A 878 0.41 -29.26 3.90
C LYS A 878 0.20 -28.37 2.66
N PRO A 879 0.81 -27.16 2.63
CA PRO A 879 0.76 -26.38 1.39
C PRO A 879 1.41 -27.10 0.22
N LEU A 880 2.56 -27.72 0.46
CA LEU A 880 3.28 -28.42 -0.59
C LEU A 880 2.45 -29.58 -1.16
N GLU A 881 1.68 -30.23 -0.28
CA GLU A 881 0.77 -31.31 -0.68
C GLU A 881 -0.28 -30.76 -1.63
N GLY A 882 -0.79 -29.56 -1.33
CA GLY A 882 -1.72 -28.86 -2.22
C GLY A 882 -1.10 -28.53 -3.57
N PHE A 883 0.11 -27.96 -3.59
CA PHE A 883 0.75 -27.60 -4.86
C PHE A 883 0.95 -28.84 -5.74
N THR A 884 1.54 -29.88 -5.14
CA THR A 884 1.98 -31.05 -5.89
C THR A 884 0.81 -31.92 -6.35
N SER A 885 -0.20 -32.11 -5.52
CA SER A 885 -1.39 -32.83 -5.97
C SER A 885 -2.11 -32.08 -7.11
N ALA A 886 -2.14 -30.75 -7.05
CA ALA A 886 -2.72 -29.98 -8.14
C ALA A 886 -1.89 -30.16 -9.41
N ALA A 887 -0.56 -30.15 -9.28
CA ALA A 887 0.34 -30.27 -10.43
C ALA A 887 0.53 -31.71 -10.90
N LYS A 888 -0.09 -32.65 -10.20
CA LYS A 888 -0.01 -34.08 -10.51
C LYS A 888 1.42 -34.60 -10.46
N LEU A 889 2.09 -34.34 -9.35
CA LEU A 889 3.39 -34.95 -9.12
C LEU A 889 3.61 -35.11 -7.62
N ASP A 890 4.72 -35.74 -7.24
CA ASP A 890 4.94 -36.09 -5.84
C ASP A 890 6.17 -35.39 -5.30
N TYR A 891 6.11 -34.97 -4.03
CA TYR A 891 7.28 -34.37 -3.35
C TYR A 891 8.15 -35.43 -2.68
N GLU A 892 7.59 -36.64 -2.53
CA GLU A 892 8.32 -37.81 -2.04
C GLU A 892 8.15 -38.94 -3.05
N LYS A 893 9.22 -39.67 -3.33
CA LYS A 893 9.14 -40.76 -4.29
C LYS A 893 8.16 -41.83 -3.79
N LYS A 894 7.18 -42.19 -4.60
CA LYS A 894 6.20 -43.21 -4.23
C LYS A 894 6.89 -44.59 -4.17
N ALA A 895 6.36 -45.49 -3.35
CA ALA A 895 6.82 -46.88 -3.35
C ALA A 895 6.39 -47.54 -4.64
N SER A 896 7.19 -48.48 -5.13
CA SER A 896 6.90 -49.18 -6.38
C SER A 896 7.59 -50.52 -6.39
N LEU A 897 7.32 -51.31 -7.43
CA LEU A 897 7.94 -52.64 -7.61
C LEU A 897 9.46 -52.56 -7.73
N PHE A 898 9.97 -51.40 -8.14
CA PHE A 898 11.42 -51.16 -8.24
C PHE A 898 12.14 -51.19 -6.89
N ASP A 899 11.37 -51.01 -5.80
CA ASP A 899 11.93 -51.04 -4.46
C ASP A 899 12.49 -52.41 -4.10
N MET A 900 12.11 -53.43 -4.86
CA MET A 900 12.62 -54.77 -4.67
C MET A 900 14.07 -54.97 -5.14
N PHE A 901 14.61 -54.00 -5.87
CA PHE A 901 15.99 -54.08 -6.39
C PHE A 901 16.93 -53.15 -5.63
N ASP A 902 18.23 -53.43 -5.75
CA ASP A 902 19.29 -52.63 -5.12
C ASP A 902 19.97 -51.71 -6.15
N PHE A 903 19.56 -50.45 -6.21
CA PHE A 903 20.05 -49.49 -7.23
C PHE A 903 21.11 -48.54 -6.71
PG ATP D . -3.77 -2.29 -14.57
O1G ATP D . -4.23 -3.68 -14.87
O2G ATP D . -3.82 -1.35 -15.74
O3G ATP D . -2.51 -2.14 -13.76
PB ATP D . -6.32 -2.25 -13.17
O1B ATP D . -7.10 -1.14 -12.52
O2B ATP D . -6.96 -3.00 -14.31
O3B ATP D . -4.89 -1.65 -13.59
PA ATP D . -6.10 -4.81 -11.72
O1A ATP D . -5.22 -5.17 -10.56
O2A ATP D . -5.94 -5.54 -13.02
O3A ATP D . -5.90 -3.22 -11.95
O5' ATP D . -7.61 -4.95 -11.21
C5' ATP D . -8.69 -4.98 -12.13
C4' ATP D . -9.85 -4.25 -11.52
O4' ATP D . -10.19 -4.82 -10.25
C3' ATP D . -9.62 -2.78 -11.22
O3' ATP D . -9.68 -1.92 -12.37
C2' ATP D . -10.73 -2.53 -10.22
C1' ATP D . -10.68 -3.81 -9.39
N9 ATP D . -9.72 -3.63 -8.26
C8 ATP D . -8.47 -4.15 -8.13
N7 ATP D . -7.91 -3.75 -6.96
C5 ATP D . -8.81 -2.96 -6.33
C6 ATP D . -8.86 -2.21 -5.06
N6 ATP D . -7.81 -2.24 -4.19
N1 ATP D . -9.99 -1.52 -4.80
C2 ATP D . -11.06 -1.50 -5.64
N3 ATP D . -11.07 -2.16 -6.81
C4 ATP D . -10.01 -2.91 -7.19
CA CA E . -6.06 -4.92 -15.29
CA CA F . -5.92 -8.07 -13.71
CA CA G . 31.35 -5.66 -20.86
CA CA H . -1.21 -4.21 -19.01
CA CA I . 13.47 4.26 20.58
CA CA J . 30.16 -2.42 10.46
CA CA K . 12.41 -20.53 31.74
#